data_3TY5
#
_entry.id   3TY5
#
_cell.length_a   63.989
_cell.length_b   94.381
_cell.length_c   75.314
_cell.angle_alpha   90.00
_cell.angle_beta   93.51
_cell.angle_gamma   90.00
#
_symmetry.space_group_name_H-M   'P 1 21 1'
#
loop_
_entity.id
_entity.type
_entity.pdbx_description
1 polymer "Polynucleotide 2',3'-cyclic phosphate phosphodiesterase / polynucleotide 5'-hydroxyl-kinase / polynucleotide 3'-phosphatase"
2 non-polymer "ADENOSINE-5'-TRIPHOSPHATE"
3 non-polymer "ADENOSINE-5'-DIPHOSPHATE"
4 non-polymer 'TRIETHYLENE GLYCOL'
5 water water
#
_entity_poly.entity_id   1
_entity_poly.type   'polypeptide(L)'
_entity_poly.pdbx_seq_one_letter_code
;MGHHHHHHHHHHSSGHIEGRHMSRFAADPHWLIYLPPTMSPCETSKKEGMLEHPIEAFEYFRTRGVGKVVCGQKHMGSRA
VVIVCKDSQVAEKRFGVLDGTAGICYTRTGRHFFDDMQLEAELIDRVRKVLDKSGFWGDFNTDWVCLDCELMPWSAKAQK
LLEEQYSAVGISGRVVLDEAVKLLKQASLNKTVSFDVSRQTSGKNADINELLQRFTERSEMMQKYVEAYRKYCWPVNSID
DLKLAPFHILATEGKVHSDKNHIWHMDTIAKYCTQDDSLIMATNHILVDVTDAESVDKGIKWWEDLTASGGEGMVVKPYD
FIVKNGRELLQPAVKCRGREYLRIIYGPEYTMDENIERLRNRAVGKKRSLALREFSLGMEALERFVRNEPLYRVHECVFG
VLALESEPVDPRL
;
_entity_poly.pdbx_strand_id   A,B
#
loop_
_chem_comp.id
_chem_comp.type
_chem_comp.name
_chem_comp.formula
ADP non-polymer ADENOSINE-5'-DIPHOSPHATE 'C10 H15 N5 O10 P2'
ATP non-polymer ADENOSINE-5'-TRIPHOSPHATE 'C10 H16 N5 O13 P3'
PGE non-polymer 'TRIETHYLENE GLYCOL' 'C6 H14 O4'
#
# COMPACT_ATOMS: atom_id res chain seq x y z
N ARG A 20 -14.07 6.76 -13.75
CA ARG A 20 -15.36 6.11 -13.97
C ARG A 20 -15.22 4.60 -13.76
N HIS A 21 -14.42 4.22 -12.77
CA HIS A 21 -14.10 2.81 -12.52
C HIS A 21 -14.94 2.18 -11.42
N MET A 22 -14.96 0.84 -11.41
CA MET A 22 -15.79 0.10 -10.46
C MET A 22 -14.96 -0.77 -9.51
N SER A 23 -13.69 -0.96 -9.82
CA SER A 23 -12.78 -1.67 -8.93
C SER A 23 -12.58 -0.81 -7.69
N ARG A 24 -12.77 0.49 -7.86
CA ARG A 24 -12.62 1.45 -6.77
C ARG A 24 -13.85 1.47 -5.88
N PHE A 25 -15.03 1.36 -6.47
CA PHE A 25 -16.27 1.30 -5.71
C PHE A 25 -16.30 0.05 -4.84
N ALA A 26 -16.09 -1.11 -5.45
CA ALA A 26 -15.99 -2.39 -4.75
C ALA A 26 -17.35 -2.89 -4.25
N ALA A 27 -18.36 -2.05 -4.34
CA ALA A 27 -19.70 -2.39 -3.84
C ALA A 27 -20.68 -2.67 -4.97
N ASP A 28 -21.90 -3.03 -4.60
CA ASP A 28 -22.93 -3.27 -5.59
C ASP A 28 -23.22 -1.97 -6.36
N PRO A 29 -22.95 -1.98 -7.68
CA PRO A 29 -23.11 -0.81 -8.53
C PRO A 29 -24.53 -0.23 -8.51
N HIS A 30 -25.49 -0.98 -7.96
CA HIS A 30 -26.85 -0.48 -7.88
C HIS A 30 -26.99 0.66 -6.88
N TRP A 31 -26.05 0.76 -5.94
CA TRP A 31 -26.04 1.78 -4.91
C TRP A 31 -25.55 3.15 -5.42
N LEU A 32 -24.86 3.12 -6.55
CA LEU A 32 -24.14 4.29 -7.07
C LEU A 32 -25.05 5.21 -7.86
N ILE A 33 -25.91 5.93 -7.15
CA ILE A 33 -26.94 6.76 -7.75
C ILE A 33 -26.61 8.24 -7.63
N TYR A 34 -25.41 8.53 -7.11
CA TYR A 34 -25.03 9.91 -6.83
C TYR A 34 -23.58 10.05 -6.37
N LEU A 35 -22.94 11.13 -6.82
CA LEU A 35 -21.66 11.57 -6.29
C LEU A 35 -21.72 13.07 -6.07
N PRO A 36 -21.20 13.53 -4.93
CA PRO A 36 -21.20 14.96 -4.63
C PRO A 36 -20.15 15.70 -5.46
N PRO A 37 -20.40 16.98 -5.75
CA PRO A 37 -19.47 17.77 -6.55
C PRO A 37 -18.28 18.29 -5.73
N THR A 38 -17.19 18.58 -6.42
CA THR A 38 -16.07 19.28 -5.81
C THR A 38 -16.54 20.67 -5.41
N MET A 39 -15.75 21.38 -4.63
CA MET A 39 -16.18 22.67 -4.10
C MET A 39 -15.10 23.72 -4.27
N SER A 40 -15.50 24.90 -4.71
CA SER A 40 -14.54 25.98 -4.93
C SER A 40 -14.31 26.77 -3.65
N PRO A 41 -13.08 27.31 -3.49
CA PRO A 41 -12.83 28.27 -2.42
C PRO A 41 -13.26 29.65 -2.88
N CYS A 42 -13.15 30.63 -1.99
CA CYS A 42 -13.52 32.01 -2.32
C CYS A 42 -12.40 32.75 -3.05
N GLU A 43 -12.70 33.92 -3.59
CA GLU A 43 -11.69 34.78 -4.18
C GLU A 43 -10.65 35.16 -3.13
N THR A 44 -9.40 35.25 -3.55
CA THR A 44 -8.31 35.65 -2.66
C THR A 44 -8.67 36.96 -1.96
N SER A 45 -8.47 37.01 -0.64
CA SER A 45 -8.74 38.21 0.14
C SER A 45 -7.77 39.32 -0.23
N LYS A 46 -8.14 40.57 0.05
CA LYS A 46 -7.23 41.69 -0.20
C LYS A 46 -6.47 42.02 1.07
N LYS A 47 -6.94 41.49 2.19
CA LYS A 47 -6.29 41.73 3.47
C LYS A 47 -4.88 41.16 3.49
N GLU A 48 -4.09 41.60 4.46
CA GLU A 48 -2.68 41.28 4.53
C GLU A 48 -2.44 40.02 5.35
N GLY A 49 -1.61 39.13 4.83
CA GLY A 49 -1.36 37.85 5.47
C GLY A 49 -2.52 36.89 5.32
N MET A 50 -3.55 37.33 4.60
CA MET A 50 -4.76 36.52 4.39
C MET A 50 -4.82 36.02 2.95
N LEU A 51 -5.13 34.74 2.79
CA LEU A 51 -5.33 34.17 1.46
C LEU A 51 -6.83 33.98 1.23
N GLU A 52 -7.54 33.63 2.29
CA GLU A 52 -8.99 33.45 2.24
C GLU A 52 -9.65 34.14 3.42
N HIS A 53 -10.72 34.87 3.12
CA HIS A 53 -11.43 35.60 4.16
C HIS A 53 -12.92 35.56 3.84
N PRO A 54 -13.77 35.53 4.88
CA PRO A 54 -15.22 35.44 4.71
C PRO A 54 -15.80 36.57 3.89
N ILE A 55 -15.15 37.73 3.89
CA ILE A 55 -15.66 38.86 3.11
C ILE A 55 -15.87 38.46 1.65
N GLU A 56 -14.85 37.86 1.05
CA GLU A 56 -14.90 37.44 -0.35
C GLU A 56 -16.04 36.44 -0.62
N ALA A 57 -16.24 35.50 0.29
CA ALA A 57 -17.34 34.54 0.16
C ALA A 57 -18.69 35.26 0.20
N PHE A 58 -18.88 36.11 1.21
CA PHE A 58 -20.09 36.91 1.30
C PHE A 58 -20.30 37.76 0.04
N GLU A 59 -19.25 38.46 -0.37
CA GLU A 59 -19.31 39.30 -1.56
C GLU A 59 -19.76 38.55 -2.80
N TYR A 60 -19.19 37.35 -3.01
CA TYR A 60 -19.57 36.55 -4.16
C TYR A 60 -21.09 36.43 -4.25
N PHE A 61 -21.73 36.07 -3.13
CA PHE A 61 -23.17 35.87 -3.11
C PHE A 61 -23.98 37.17 -3.19
N ARG A 62 -23.46 38.23 -2.59
CA ARG A 62 -24.15 39.52 -2.56
C ARG A 62 -24.32 40.09 -3.97
N THR A 63 -23.24 40.04 -4.74
CA THR A 63 -23.23 40.62 -6.08
C THR A 63 -23.95 39.73 -7.09
N ARG A 64 -24.65 38.71 -6.60
CA ARG A 64 -25.37 37.81 -7.49
C ARG A 64 -26.81 37.59 -7.01
N GLY A 65 -27.32 38.54 -6.23
CA GLY A 65 -28.71 38.54 -5.84
C GLY A 65 -29.06 37.65 -4.66
N VAL A 66 -28.06 36.96 -4.13
CA VAL A 66 -28.28 36.17 -2.93
C VAL A 66 -28.10 37.06 -1.71
N GLY A 67 -29.19 37.34 -1.02
CA GLY A 67 -29.16 38.25 0.11
C GLY A 67 -28.71 37.59 1.39
N LYS A 68 -29.09 36.32 1.56
CA LYS A 68 -28.78 35.59 2.79
C LYS A 68 -28.04 34.28 2.49
N VAL A 69 -27.07 33.96 3.33
CA VAL A 69 -26.28 32.75 3.17
C VAL A 69 -26.20 31.96 4.48
N VAL A 70 -25.94 30.66 4.35
CA VAL A 70 -25.79 29.78 5.49
C VAL A 70 -24.32 29.37 5.63
N CYS A 71 -23.78 29.52 6.83
CA CYS A 71 -22.39 29.13 7.09
C CYS A 71 -22.33 27.92 8.01
N GLY A 72 -21.72 26.85 7.53
CA GLY A 72 -21.54 25.65 8.34
C GLY A 72 -20.08 25.48 8.70
N GLN A 73 -19.83 25.07 9.94
CA GLN A 73 -18.46 24.79 10.36
C GLN A 73 -17.90 23.66 9.52
N LYS A 74 -16.65 23.78 9.12
CA LYS A 74 -16.02 22.75 8.29
C LYS A 74 -15.16 21.85 9.17
N HIS A 75 -15.65 20.64 9.39
CA HIS A 75 -14.99 19.75 10.33
C HIS A 75 -13.95 18.86 9.66
N MET A 76 -12.99 18.40 10.44
CA MET A 76 -12.05 17.38 10.00
C MET A 76 -12.83 16.11 9.73
N GLY A 77 -12.60 15.52 8.55
CA GLY A 77 -13.29 14.30 8.14
C GLY A 77 -13.39 14.20 6.63
N SER A 78 -14.35 13.42 6.13
CA SER A 78 -14.54 13.29 4.69
C SER A 78 -16.01 13.25 4.27
N ARG A 79 -16.30 13.80 3.09
CA ARG A 79 -17.65 13.72 2.52
C ARG A 79 -18.10 12.26 2.39
N ALA A 80 -19.32 11.96 2.82
CA ALA A 80 -19.83 10.60 2.79
C ALA A 80 -21.23 10.58 2.21
N VAL A 81 -21.46 9.71 1.23
CA VAL A 81 -22.82 9.49 0.77
C VAL A 81 -23.36 8.27 1.51
N VAL A 82 -24.52 8.44 2.15
CA VAL A 82 -25.13 7.38 2.95
C VAL A 82 -26.57 7.13 2.48
N ILE A 83 -26.83 5.91 2.03
CA ILE A 83 -28.15 5.50 1.58
C ILE A 83 -28.67 4.44 2.54
N VAL A 84 -29.87 4.63 3.07
CA VAL A 84 -30.46 3.64 3.97
C VAL A 84 -31.81 3.17 3.45
N CYS A 85 -31.98 1.85 3.38
CA CYS A 85 -33.27 1.24 3.11
C CYS A 85 -33.81 0.59 4.38
N LYS A 86 -35.13 0.49 4.50
CA LYS A 86 -35.75 -0.11 5.67
C LYS A 86 -35.20 -1.50 5.94
N ASP A 87 -35.02 -2.27 4.87
CA ASP A 87 -34.57 -3.64 4.97
C ASP A 87 -34.00 -4.13 3.64
N SER A 88 -33.42 -5.32 3.65
CA SER A 88 -32.73 -5.83 2.46
C SER A 88 -33.67 -6.09 1.27
N GLN A 89 -34.96 -6.28 1.55
CA GLN A 89 -35.95 -6.51 0.51
C GLN A 89 -36.20 -5.22 -0.28
N VAL A 90 -36.40 -4.12 0.43
CA VAL A 90 -36.53 -2.81 -0.21
C VAL A 90 -35.32 -2.51 -1.08
N ALA A 91 -34.13 -2.88 -0.62
CA ALA A 91 -32.90 -2.63 -1.35
C ALA A 91 -32.93 -3.32 -2.71
N GLU A 92 -33.32 -4.60 -2.70
CA GLU A 92 -33.37 -5.38 -3.92
C GLU A 92 -34.45 -4.88 -4.88
N LYS A 93 -35.63 -4.59 -4.33
CA LYS A 93 -36.76 -4.16 -5.16
C LYS A 93 -36.63 -2.73 -5.69
N ARG A 94 -36.22 -1.80 -4.84
CA ARG A 94 -36.15 -0.41 -5.27
C ARG A 94 -34.87 -0.09 -6.02
N PHE A 95 -33.74 -0.56 -5.48
CA PHE A 95 -32.44 -0.24 -6.05
C PHE A 95 -31.91 -1.33 -6.97
N GLY A 96 -32.45 -2.55 -6.85
CA GLY A 96 -31.98 -3.66 -7.65
C GLY A 96 -30.74 -4.33 -7.08
N VAL A 97 -30.37 -3.96 -5.86
CA VAL A 97 -29.22 -4.53 -5.16
C VAL A 97 -29.30 -6.05 -5.12
N LEU A 98 -28.15 -6.72 -5.25
CA LEU A 98 -28.14 -8.17 -5.36
C LEU A 98 -27.30 -8.87 -4.29
N ASP A 99 -26.57 -8.10 -3.49
CA ASP A 99 -25.67 -8.69 -2.49
C ASP A 99 -26.29 -8.81 -1.10
N GLY A 100 -27.57 -8.50 -0.99
CA GLY A 100 -28.28 -8.64 0.28
C GLY A 100 -28.07 -7.55 1.31
N THR A 101 -27.38 -6.48 0.93
CA THR A 101 -27.19 -5.36 1.85
C THR A 101 -28.43 -4.47 1.85
N ALA A 102 -28.56 -3.64 2.87
CA ALA A 102 -29.73 -2.77 3.00
C ALA A 102 -29.34 -1.31 3.14
N GLY A 103 -28.08 -1.01 2.87
CA GLY A 103 -27.59 0.35 2.87
C GLY A 103 -26.14 0.43 2.47
N ILE A 104 -25.63 1.65 2.31
CA ILE A 104 -24.24 1.83 1.94
C ILE A 104 -23.68 3.19 2.39
N CYS A 105 -22.41 3.20 2.73
CA CYS A 105 -21.70 4.44 3.01
C CYS A 105 -20.47 4.52 2.11
N TYR A 106 -20.45 5.49 1.21
CA TYR A 106 -19.35 5.60 0.27
C TYR A 106 -18.83 7.02 0.09
N THR A 107 -17.64 7.14 -0.50
CA THR A 107 -16.93 8.41 -0.61
C THR A 107 -17.26 9.18 -1.89
N ARG A 108 -16.74 10.40 -1.97
CA ARG A 108 -16.81 11.21 -3.18
C ARG A 108 -16.31 10.47 -4.41
N THR A 109 -15.35 9.57 -4.21
CA THR A 109 -14.74 8.82 -5.30
C THR A 109 -15.49 7.53 -5.59
N GLY A 110 -16.64 7.37 -4.95
CA GLY A 110 -17.49 6.22 -5.18
C GLY A 110 -17.08 4.95 -4.45
N ARG A 111 -16.04 5.05 -3.63
CA ARG A 111 -15.49 3.91 -2.92
C ARG A 111 -16.23 3.61 -1.61
N HIS A 112 -16.25 2.33 -1.25
CA HIS A 112 -16.68 1.94 0.09
C HIS A 112 -15.86 2.68 1.12
N PHE A 113 -16.48 3.05 2.23
CA PHE A 113 -15.76 3.75 3.28
C PHE A 113 -14.94 2.80 4.13
N PHE A 114 -15.49 1.60 4.36
CA PHE A 114 -14.83 0.57 5.16
C PHE A 114 -14.49 -0.67 4.34
N ASP A 115 -13.37 -1.31 4.66
CA ASP A 115 -13.07 -2.62 4.11
C ASP A 115 -13.91 -3.66 4.83
N ASP A 116 -14.27 -3.35 6.08
CA ASP A 116 -15.04 -4.25 6.92
C ASP A 116 -16.55 -4.04 6.80
N MET A 117 -17.22 -4.95 6.10
CA MET A 117 -18.65 -4.85 5.82
C MET A 117 -19.52 -4.75 7.08
N GLN A 118 -19.13 -5.45 8.13
CA GLN A 118 -19.91 -5.42 9.37
C GLN A 118 -19.87 -4.04 10.00
N LEU A 119 -18.72 -3.39 9.89
CA LEU A 119 -18.57 -2.02 10.36
C LEU A 119 -19.51 -1.09 9.58
N GLU A 120 -19.56 -1.25 8.27
CA GLU A 120 -20.48 -0.44 7.46
C GLU A 120 -21.92 -0.73 7.85
N ALA A 121 -22.22 -2.01 8.02
CA ALA A 121 -23.55 -2.47 8.41
C ALA A 121 -24.00 -1.88 9.74
N GLU A 122 -23.09 -1.81 10.70
CA GLU A 122 -23.42 -1.23 12.00
C GLU A 122 -23.78 0.25 11.86
N LEU A 123 -22.99 0.99 11.07
CA LEU A 123 -23.25 2.41 10.86
C LEU A 123 -24.62 2.65 10.23
N ILE A 124 -24.93 1.89 9.18
CA ILE A 124 -26.20 2.02 8.50
C ILE A 124 -27.36 1.71 9.46
N ASP A 125 -27.20 0.66 10.26
CA ASP A 125 -28.24 0.25 11.20
C ASP A 125 -28.50 1.31 12.27
N ARG A 126 -27.45 1.96 12.76
CA ARG A 126 -27.60 3.04 13.74
C ARG A 126 -28.48 4.14 13.18
N VAL A 127 -28.11 4.60 11.99
CA VAL A 127 -28.88 5.62 11.27
C VAL A 127 -30.31 5.15 11.03
N ARG A 128 -30.46 3.88 10.67
CA ARG A 128 -31.78 3.31 10.45
C ARG A 128 -32.64 3.43 11.71
N LYS A 129 -32.09 3.04 12.86
CA LYS A 129 -32.84 3.10 14.12
C LYS A 129 -33.29 4.52 14.44
N VAL A 130 -32.43 5.48 14.14
CA VAL A 130 -32.76 6.88 14.41
C VAL A 130 -33.92 7.35 13.56
N LEU A 131 -33.94 6.91 12.30
CA LEU A 131 -35.03 7.22 11.40
C LEU A 131 -36.29 6.49 11.85
N ASP A 132 -36.10 5.32 12.45
CA ASP A 132 -37.22 4.58 13.00
C ASP A 132 -37.89 5.41 14.10
N LYS A 133 -37.12 5.70 15.16
CA LYS A 133 -37.63 6.46 16.30
C LYS A 133 -38.37 7.72 15.89
N SER A 134 -37.83 8.46 14.92
CA SER A 134 -38.39 9.75 14.55
C SER A 134 -39.61 9.65 13.64
N GLY A 135 -39.89 8.44 13.16
CA GLY A 135 -40.99 8.24 12.22
C GLY A 135 -40.72 8.91 10.89
N PHE A 136 -39.46 8.88 10.47
CA PHE A 136 -39.04 9.48 9.21
C PHE A 136 -39.73 8.83 8.02
N TRP A 137 -39.66 7.51 7.95
CA TRP A 137 -40.20 6.76 6.82
C TRP A 137 -41.64 7.15 6.53
N GLY A 138 -42.45 7.23 7.58
CA GLY A 138 -43.87 7.52 7.40
C GLY A 138 -44.09 8.95 6.97
N ASP A 139 -43.38 9.87 7.63
CA ASP A 139 -43.56 11.29 7.35
C ASP A 139 -43.06 11.65 5.96
N PHE A 140 -42.22 10.79 5.40
CA PHE A 140 -41.72 10.99 4.03
C PHE A 140 -42.31 10.00 3.03
N ASN A 141 -43.13 9.07 3.52
CA ASN A 141 -43.72 8.06 2.65
C ASN A 141 -42.65 7.39 1.78
N THR A 142 -41.55 7.00 2.40
CA THR A 142 -40.44 6.39 1.68
C THR A 142 -39.90 5.22 2.49
N ASP A 143 -39.26 4.26 1.83
CA ASP A 143 -38.63 3.17 2.53
C ASP A 143 -37.12 3.22 2.32
N TRP A 144 -36.67 4.34 1.79
CA TRP A 144 -35.25 4.57 1.56
C TRP A 144 -34.96 6.06 1.60
N VAL A 145 -33.69 6.40 1.84
CA VAL A 145 -33.28 7.79 1.77
C VAL A 145 -31.81 7.90 1.40
N CYS A 146 -31.48 8.95 0.64
CA CYS A 146 -30.10 9.24 0.27
C CYS A 146 -29.67 10.51 1.00
N LEU A 147 -28.63 10.39 1.83
CA LEU A 147 -28.16 11.52 2.63
C LEU A 147 -26.76 11.99 2.24
N ASP A 148 -26.57 13.30 2.21
CA ASP A 148 -25.26 13.89 1.99
C ASP A 148 -24.68 14.25 3.35
N CYS A 149 -23.54 13.68 3.69
CA CYS A 149 -23.00 13.84 5.04
C CYS A 149 -21.50 14.07 5.06
N GLU A 150 -21.00 14.32 6.27
CA GLU A 150 -19.57 14.25 6.52
C GLU A 150 -19.36 13.20 7.59
N LEU A 151 -18.31 12.40 7.41
CA LEU A 151 -17.96 11.39 8.40
C LEU A 151 -16.73 11.91 9.12
N MET A 152 -16.73 11.84 10.44
CA MET A 152 -15.70 12.48 11.24
C MET A 152 -15.12 11.54 12.31
N PRO A 153 -13.79 11.58 12.49
CA PRO A 153 -13.17 10.79 13.56
C PRO A 153 -13.58 11.33 14.93
N TRP A 154 -13.95 10.42 15.82
CA TRP A 154 -14.46 10.78 17.14
C TRP A 154 -13.65 10.06 18.21
N SER A 155 -13.19 10.80 19.20
CA SER A 155 -12.46 10.21 20.32
C SER A 155 -13.45 9.60 21.30
N ALA A 156 -13.54 8.27 21.32
CA ALA A 156 -14.42 7.57 22.25
C ALA A 156 -14.08 7.86 23.72
N LYS A 157 -12.78 7.87 24.03
CA LYS A 157 -12.34 8.05 25.40
C LYS A 157 -12.70 9.44 25.94
N ALA A 158 -12.40 10.45 25.14
CA ALA A 158 -12.65 11.84 25.54
C ALA A 158 -14.08 12.29 25.24
N GLN A 159 -14.84 11.49 24.50
CA GLN A 159 -16.20 11.84 24.13
C GLN A 159 -16.28 13.21 23.45
N LYS A 160 -15.41 13.43 22.48
CA LYS A 160 -15.40 14.65 21.70
C LYS A 160 -14.70 14.37 20.37
N LEU A 161 -14.90 15.25 19.39
CA LEU A 161 -14.23 15.11 18.10
C LEU A 161 -12.72 15.06 18.25
N LEU A 162 -12.10 14.15 17.52
CA LEU A 162 -10.65 14.00 17.52
C LEU A 162 -9.98 15.35 17.23
N GLU A 163 -10.61 16.12 16.35
CA GLU A 163 -10.17 17.46 15.97
C GLU A 163 -9.97 18.36 17.19
N GLU A 164 -10.98 18.42 18.07
CA GLU A 164 -10.90 19.25 19.27
C GLU A 164 -9.82 18.74 20.23
N GLN A 165 -9.70 17.43 20.30
CA GLN A 165 -8.69 16.79 21.13
C GLN A 165 -7.26 17.18 20.75
N TYR A 166 -6.99 17.23 19.45
CA TYR A 166 -5.72 17.69 18.95
C TYR A 166 -5.56 19.18 19.22
N SER A 167 -6.59 19.93 18.84
CA SER A 167 -6.61 21.37 18.98
C SER A 167 -6.19 21.77 20.39
N ALA A 168 -6.72 21.06 21.38
CA ALA A 168 -6.48 21.41 22.77
C ALA A 168 -5.01 21.44 23.17
N VAL A 169 -4.15 20.74 22.42
CA VAL A 169 -2.72 20.76 22.73
C VAL A 169 -1.88 21.36 21.60
N GLY A 170 -2.52 22.20 20.79
CA GLY A 170 -1.85 22.85 19.69
C GLY A 170 -1.39 21.91 18.60
N ILE A 171 -2.00 20.74 18.50
CA ILE A 171 -1.64 19.78 17.45
C ILE A 171 -2.54 19.95 16.23
N SER A 172 -1.92 19.94 15.05
CA SER A 172 -2.66 20.09 13.79
C SER A 172 -2.12 19.14 12.72
N GLY A 173 -2.60 19.32 11.50
CA GLY A 173 -2.20 18.48 10.37
C GLY A 173 -0.76 18.68 9.90
N ARG A 174 -0.06 19.62 10.54
CA ARG A 174 1.36 19.81 10.29
C ARG A 174 2.10 18.50 10.53
N VAL A 175 1.61 17.75 11.51
CA VAL A 175 2.17 16.44 11.81
C VAL A 175 2.25 15.64 10.52
N VAL A 176 1.14 15.60 9.81
CA VAL A 176 1.03 14.81 8.59
C VAL A 176 1.72 15.48 7.41
N LEU A 177 1.60 16.80 7.31
CA LEU A 177 2.31 17.53 6.26
C LEU A 177 3.80 17.23 6.34
N ASP A 178 4.36 17.27 7.55
CA ASP A 178 5.77 16.98 7.75
C ASP A 178 6.14 15.61 7.18
N GLU A 179 5.28 14.62 7.40
CA GLU A 179 5.50 13.27 6.87
C GLU A 179 5.53 13.27 5.35
N ALA A 180 4.54 13.90 4.74
CA ALA A 180 4.48 14.01 3.29
C ALA A 180 5.78 14.59 2.76
N VAL A 181 6.22 15.67 3.41
CA VAL A 181 7.47 16.34 3.05
C VAL A 181 8.70 15.42 3.20
N LYS A 182 8.74 14.62 4.25
CA LYS A 182 9.80 13.61 4.40
C LYS A 182 9.80 12.69 3.18
N LEU A 183 8.63 12.17 2.84
CA LEU A 183 8.49 11.24 1.73
C LEU A 183 9.00 11.84 0.43
N LEU A 184 8.56 13.05 0.12
CA LEU A 184 8.97 13.72 -1.11
C LEU A 184 10.48 13.81 -1.25
N LYS A 185 11.15 14.19 -0.17
CA LYS A 185 12.60 14.33 -0.18
C LYS A 185 13.31 12.98 -0.22
N GLN A 186 12.79 12.03 0.55
CA GLN A 186 13.40 10.70 0.63
C GLN A 186 13.22 9.91 -0.66
N ALA A 187 12.16 10.22 -1.40
CA ALA A 187 11.91 9.55 -2.67
C ALA A 187 12.76 10.16 -3.79
N SER A 188 13.08 11.44 -3.67
CA SER A 188 13.84 12.14 -4.70
C SER A 188 15.34 11.84 -4.61
N LEU A 189 15.76 11.13 -3.57
CA LEU A 189 17.17 10.82 -3.36
C LEU A 189 17.69 9.73 -4.31
N ASN A 190 18.94 9.34 -4.11
CA ASN A 190 19.58 8.31 -4.91
C ASN A 190 18.76 7.02 -4.97
N LYS A 204 35.10 4.73 12.12
CA LYS A 204 33.91 3.95 11.84
C LYS A 204 33.32 4.29 10.47
N ASN A 205 32.92 3.26 9.72
CA ASN A 205 32.32 3.46 8.41
C ASN A 205 30.86 3.01 8.32
N ALA A 206 30.62 1.92 7.59
CA ALA A 206 29.26 1.50 7.24
C ALA A 206 28.48 0.89 8.40
N ASP A 207 27.31 1.46 8.67
CA ASP A 207 26.37 0.92 9.64
C ASP A 207 25.23 0.24 8.93
N ILE A 208 25.09 -1.06 9.17
CA ILE A 208 24.07 -1.87 8.49
C ILE A 208 22.66 -1.30 8.64
N ASN A 209 22.33 -0.84 9.84
CA ASN A 209 20.99 -0.30 10.09
C ASN A 209 20.74 1.03 9.38
N GLU A 210 21.80 1.78 9.14
CA GLU A 210 21.70 3.01 8.38
C GLU A 210 21.51 2.67 6.90
N LEU A 211 22.21 1.63 6.46
CA LEU A 211 22.08 1.16 5.08
C LEU A 211 20.68 0.63 4.78
N LEU A 212 20.13 -0.17 5.70
CA LEU A 212 18.78 -0.71 5.52
C LEU A 212 17.75 0.42 5.40
N GLN A 213 17.93 1.46 6.20
CA GLN A 213 17.11 2.67 6.10
C GLN A 213 17.32 3.34 4.75
N ARG A 214 18.58 3.55 4.39
CA ARG A 214 18.94 4.19 3.14
C ARG A 214 18.41 3.44 1.91
N PHE A 215 18.47 2.12 1.95
CA PHE A 215 18.01 1.29 0.84
C PHE A 215 16.54 0.91 0.97
N THR A 216 15.81 1.62 1.83
CA THR A 216 14.39 1.35 2.03
C THR A 216 13.64 1.39 0.70
N GLU A 217 12.94 0.30 0.38
CA GLU A 217 12.16 0.22 -0.86
C GLU A 217 11.26 1.43 -1.01
N ARG A 218 11.19 1.98 -2.21
CA ARG A 218 10.33 3.12 -2.48
C ARG A 218 8.87 2.80 -2.15
N SER A 219 8.49 1.54 -2.35
CA SER A 219 7.17 1.07 -1.99
C SER A 219 6.96 1.09 -0.48
N GLU A 220 8.02 0.80 0.28
CA GLU A 220 7.97 0.82 1.75
C GLU A 220 7.83 2.23 2.28
N MET A 221 8.54 3.17 1.65
CA MET A 221 8.44 4.58 2.00
C MET A 221 6.99 5.03 1.98
N MET A 222 6.33 4.82 0.84
CA MET A 222 4.95 5.21 0.66
C MET A 222 4.06 4.59 1.73
N GLN A 223 4.31 3.31 2.04
CA GLN A 223 3.52 2.59 3.03
C GLN A 223 3.61 3.23 4.41
N LYS A 224 4.82 3.64 4.80
CA LYS A 224 5.01 4.25 6.12
C LYS A 224 4.26 5.57 6.20
N TYR A 225 4.20 6.27 5.07
CA TYR A 225 3.52 7.56 5.01
C TYR A 225 2.01 7.40 5.15
N VAL A 226 1.44 6.45 4.43
CA VAL A 226 0.00 6.22 4.48
C VAL A 226 -0.42 5.78 5.88
N GLU A 227 0.37 4.92 6.50
CA GLU A 227 0.13 4.50 7.87
C GLU A 227 0.16 5.69 8.84
N ALA A 228 1.12 6.60 8.65
CA ALA A 228 1.20 7.78 9.49
C ALA A 228 -0.02 8.68 9.26
N TYR A 229 -0.54 8.68 8.03
CA TYR A 229 -1.70 9.48 7.70
C TYR A 229 -2.97 8.91 8.35
N ARG A 230 -3.10 7.58 8.31
CA ARG A 230 -4.20 6.89 8.98
C ARG A 230 -4.20 7.15 10.49
N LYS A 231 -3.01 7.07 11.10
CA LYS A 231 -2.83 7.25 12.53
C LYS A 231 -3.30 8.62 13.02
N TYR A 232 -2.95 9.66 12.29
CA TYR A 232 -3.40 11.00 12.64
C TYR A 232 -4.88 11.21 12.27
N CYS A 233 -5.21 11.01 11.01
CA CYS A 233 -6.55 11.32 10.49
C CYS A 233 -7.66 10.35 10.88
N TRP A 234 -7.38 9.05 10.80
CA TRP A 234 -8.42 8.04 10.99
C TRP A 234 -8.02 6.92 11.94
N PRO A 235 -7.70 7.24 13.20
CA PRO A 235 -7.46 6.20 14.20
C PRO A 235 -8.79 5.58 14.63
N VAL A 236 -9.32 4.71 13.78
CA VAL A 236 -10.65 4.16 13.95
C VAL A 236 -10.57 2.64 14.06
N ASN A 237 -11.19 2.09 15.11
CA ASN A 237 -11.23 0.65 15.32
C ASN A 237 -12.65 0.11 15.31
N SER A 238 -13.62 1.03 15.42
CA SER A 238 -15.02 0.65 15.54
C SER A 238 -15.92 1.86 15.37
N ILE A 239 -17.23 1.61 15.38
CA ILE A 239 -18.24 2.64 15.17
C ILE A 239 -18.21 3.69 16.28
N ASP A 240 -17.73 3.29 17.44
CA ASP A 240 -17.63 4.22 18.56
C ASP A 240 -16.57 5.28 18.29
N ASP A 241 -15.78 5.08 17.23
CA ASP A 241 -14.69 6.00 16.91
C ASP A 241 -15.06 6.99 15.79
N LEU A 242 -16.35 7.07 15.46
CA LEU A 242 -16.82 7.87 14.34
C LEU A 242 -18.06 8.68 14.68
N LYS A 243 -18.21 9.84 14.04
CA LYS A 243 -19.49 10.54 14.02
C LYS A 243 -19.93 10.75 12.58
N LEU A 244 -21.23 10.94 12.40
CA LEU A 244 -21.78 11.25 11.08
C LEU A 244 -22.60 12.54 11.16
N ALA A 245 -22.29 13.46 10.26
CA ALA A 245 -22.98 14.75 10.23
C ALA A 245 -23.63 15.00 8.87
N PRO A 246 -24.91 14.65 8.76
CA PRO A 246 -25.73 14.81 7.55
C PRO A 246 -26.07 16.28 7.35
N PHE A 247 -25.99 16.76 6.11
CA PHE A 247 -26.38 18.14 5.83
C PHE A 247 -27.37 18.32 4.67
N HIS A 248 -27.54 17.27 3.87
CA HIS A 248 -28.53 17.27 2.81
C HIS A 248 -29.39 16.02 2.86
N ILE A 249 -30.71 16.19 2.89
CA ILE A 249 -31.58 15.09 2.53
C ILE A 249 -31.76 15.17 1.02
N LEU A 250 -30.90 14.46 0.29
CA LEU A 250 -30.92 14.53 -1.16
C LEU A 250 -32.21 13.97 -1.78
N ALA A 251 -32.51 12.71 -1.51
CA ALA A 251 -33.64 12.07 -2.17
C ALA A 251 -34.36 11.05 -1.32
N THR A 252 -35.67 10.94 -1.55
CA THR A 252 -36.51 9.91 -0.97
C THR A 252 -37.47 9.46 -2.05
N GLU A 253 -38.22 8.40 -1.79
CA GLU A 253 -39.09 7.84 -2.82
C GLU A 253 -39.89 8.93 -3.53
N GLY A 254 -39.64 9.08 -4.83
CA GLY A 254 -40.42 9.99 -5.66
C GLY A 254 -40.06 11.47 -5.60
N LYS A 255 -38.97 11.80 -4.93
CA LYS A 255 -38.63 13.21 -4.76
C LYS A 255 -37.16 13.49 -4.49
N VAL A 256 -36.56 14.33 -5.34
CA VAL A 256 -35.24 14.90 -5.05
C VAL A 256 -35.46 16.27 -4.42
N HIS A 257 -34.85 16.50 -3.26
CA HIS A 257 -35.17 17.67 -2.46
C HIS A 257 -34.27 18.89 -2.73
N SER A 258 -33.96 19.11 -4.00
CA SER A 258 -33.16 20.25 -4.39
C SER A 258 -34.04 21.48 -4.47
N ASP A 259 -35.33 21.28 -4.22
CA ASP A 259 -36.27 22.39 -4.24
C ASP A 259 -36.43 23.01 -2.86
N LYS A 260 -35.76 22.43 -1.86
CA LYS A 260 -35.85 22.93 -0.49
C LYS A 260 -34.56 23.59 -0.01
N ASN A 261 -34.69 24.70 0.70
CA ASN A 261 -33.53 25.46 1.16
C ASN A 261 -32.75 24.75 2.25
N HIS A 262 -31.52 25.22 2.49
CA HIS A 262 -30.64 24.59 3.46
C HIS A 262 -31.13 24.65 4.91
N ILE A 263 -31.98 25.62 5.22
CA ILE A 263 -32.58 25.67 6.55
C ILE A 263 -33.57 24.51 6.72
N TRP A 264 -34.29 24.20 5.65
CA TRP A 264 -35.17 23.03 5.65
C TRP A 264 -34.36 21.76 5.86
N HIS A 265 -33.23 21.66 5.19
CA HIS A 265 -32.40 20.47 5.33
C HIS A 265 -31.86 20.34 6.75
N MET A 266 -31.39 21.45 7.32
CA MET A 266 -30.83 21.42 8.67
C MET A 266 -31.90 21.13 9.71
N ASP A 267 -33.06 21.77 9.56
CA ASP A 267 -34.16 21.56 10.50
C ASP A 267 -34.62 20.12 10.44
N THR A 268 -34.92 19.65 9.24
CA THR A 268 -35.46 18.31 9.04
C THR A 268 -34.49 17.24 9.51
N ILE A 269 -33.20 17.48 9.29
CA ILE A 269 -32.17 16.56 9.76
C ILE A 269 -32.11 16.54 11.28
N ALA A 270 -32.23 17.72 11.88
CA ALA A 270 -32.21 17.83 13.34
C ALA A 270 -33.40 17.09 13.96
N LYS A 271 -34.54 17.20 13.31
CA LYS A 271 -35.75 16.57 13.81
C LYS A 271 -35.70 15.04 13.73
N TYR A 272 -35.21 14.52 12.61
CA TYR A 272 -35.30 13.09 12.30
C TYR A 272 -34.04 12.26 12.57
N CYS A 273 -32.88 12.89 12.66
CA CYS A 273 -31.63 12.16 12.85
C CYS A 273 -30.84 12.55 14.09
N THR A 274 -31.10 13.74 14.61
CA THR A 274 -30.24 14.35 15.62
C THR A 274 -30.71 14.21 17.09
N GLN A 275 -31.93 13.73 17.30
CA GLN A 275 -32.55 13.64 18.65
C GLN A 275 -31.97 12.51 19.56
N ASP A 276 -31.66 11.36 18.96
CA ASP A 276 -31.35 10.12 19.69
C ASP A 276 -29.89 9.66 19.67
N ASP A 277 -29.66 8.62 18.86
CA ASP A 277 -28.32 8.02 18.63
C ASP A 277 -27.26 9.10 18.61
N SER A 278 -26.21 8.89 19.38
CA SER A 278 -25.15 9.87 19.52
C SER A 278 -24.25 9.84 18.30
N LEU A 279 -24.41 8.83 17.44
CA LEU A 279 -23.63 8.75 16.21
C LEU A 279 -23.91 9.94 15.29
N ILE A 280 -25.19 10.27 15.14
CA ILE A 280 -25.57 11.41 14.31
C ILE A 280 -25.44 12.69 15.11
N MET A 281 -24.66 13.63 14.56
CA MET A 281 -24.37 14.89 15.22
C MET A 281 -24.80 16.04 14.31
N ALA A 282 -25.24 17.14 14.93
CA ALA A 282 -25.66 18.31 14.17
C ALA A 282 -24.44 19.11 13.77
N THR A 283 -24.54 19.82 12.65
CA THR A 283 -23.44 20.65 12.20
C THR A 283 -23.61 22.08 12.70
N ASN A 284 -22.62 22.54 13.46
CA ASN A 284 -22.58 23.92 13.93
C ASN A 284 -22.67 24.87 12.73
N HIS A 285 -23.75 25.65 12.68
CA HIS A 285 -23.97 26.57 11.57
C HIS A 285 -24.58 27.89 12.02
N ILE A 286 -24.27 28.95 11.26
CA ILE A 286 -24.91 30.24 11.48
C ILE A 286 -25.54 30.72 10.19
N LEU A 287 -26.06 31.93 10.22
CA LEU A 287 -26.80 32.49 9.12
C LEU A 287 -26.42 33.95 8.97
N VAL A 288 -26.20 34.41 7.75
CA VAL A 288 -25.66 35.75 7.55
C VAL A 288 -26.45 36.58 6.55
N ASP A 289 -26.76 37.81 6.93
CA ASP A 289 -27.31 38.80 6.01
C ASP A 289 -26.16 39.49 5.28
N VAL A 290 -25.94 39.06 4.04
CA VAL A 290 -24.79 39.49 3.26
C VAL A 290 -24.83 40.99 2.89
N THR A 291 -26.00 41.61 3.05
CA THR A 291 -26.14 43.04 2.75
C THR A 291 -26.07 43.89 4.02
N ASP A 292 -25.93 43.22 5.17
CA ASP A 292 -25.91 43.90 6.47
C ASP A 292 -24.49 43.89 7.04
N ALA A 293 -23.96 45.07 7.35
CA ALA A 293 -22.62 45.21 7.90
C ALA A 293 -22.48 44.55 9.27
N GLU A 294 -23.48 44.71 10.12
CA GLU A 294 -23.47 44.11 11.45
C GLU A 294 -23.52 42.59 11.39
N SER A 295 -24.38 42.05 10.54
CA SER A 295 -24.52 40.61 10.40
C SER A 295 -23.23 40.01 9.85
N VAL A 296 -22.61 40.71 8.90
CA VAL A 296 -21.35 40.30 8.33
C VAL A 296 -20.23 40.27 9.37
N ASP A 297 -20.22 41.26 10.28
CA ASP A 297 -19.21 41.32 11.32
C ASP A 297 -19.36 40.18 12.29
N LYS A 298 -20.60 39.75 12.51
CA LYS A 298 -20.89 38.65 13.41
C LYS A 298 -20.42 37.32 12.81
N GLY A 299 -20.55 37.20 11.49
CA GLY A 299 -20.13 36.01 10.78
C GLY A 299 -18.62 35.91 10.67
N ILE A 300 -17.99 37.04 10.35
CA ILE A 300 -16.54 37.13 10.31
C ILE A 300 -15.92 36.72 11.65
N LYS A 301 -16.50 37.21 12.74
CA LYS A 301 -16.02 36.90 14.08
C LYS A 301 -16.27 35.43 14.42
N TRP A 302 -17.42 34.92 14.00
CA TRP A 302 -17.75 33.52 14.17
C TRP A 302 -16.66 32.67 13.56
N TRP A 303 -16.26 33.04 12.34
CA TRP A 303 -15.25 32.32 11.58
C TRP A 303 -13.87 32.43 12.25
N GLU A 304 -13.57 33.62 12.76
CA GLU A 304 -12.27 33.87 13.36
C GLU A 304 -12.06 33.09 14.66
N ASP A 305 -13.07 33.06 15.51
CA ASP A 305 -12.98 32.29 16.75
C ASP A 305 -12.94 30.81 16.43
N LEU A 306 -13.67 30.44 15.38
CA LEU A 306 -13.72 29.06 14.91
C LEU A 306 -12.37 28.59 14.39
N THR A 307 -11.71 29.44 13.62
CA THR A 307 -10.44 29.09 13.01
C THR A 307 -9.27 29.30 13.97
N ALA A 308 -9.41 30.28 14.86
CA ALA A 308 -8.40 30.56 15.86
C ALA A 308 -8.20 29.35 16.77
N SER A 309 -9.29 28.62 17.01
CA SER A 309 -9.25 27.45 17.86
C SER A 309 -8.60 26.26 17.14
N GLY A 310 -8.28 26.44 15.86
CA GLY A 310 -7.67 25.38 15.08
C GLY A 310 -8.56 24.87 13.95
N GLY A 311 -9.83 25.29 13.95
CA GLY A 311 -10.78 24.86 12.95
C GLY A 311 -10.31 25.05 11.51
N GLU A 312 -10.77 24.16 10.63
CA GLU A 312 -10.39 24.21 9.23
C GLU A 312 -11.00 25.41 8.51
N GLY A 313 -12.12 25.90 9.02
CA GLY A 313 -12.83 26.98 8.37
C GLY A 313 -14.32 26.73 8.28
N MET A 314 -14.95 27.23 7.23
CA MET A 314 -16.39 27.10 7.07
C MET A 314 -16.79 26.87 5.62
N VAL A 315 -18.04 26.50 5.43
CA VAL A 315 -18.59 26.37 4.09
C VAL A 315 -19.76 27.32 3.99
N VAL A 316 -19.69 28.23 3.02
CA VAL A 316 -20.74 29.22 2.84
C VAL A 316 -21.70 28.79 1.74
N LYS A 317 -22.99 28.72 2.07
CA LYS A 317 -23.98 28.27 1.09
C LYS A 317 -25.08 29.30 0.85
N PRO A 318 -25.61 29.32 -0.38
CA PRO A 318 -26.77 30.19 -0.58
C PRO A 318 -27.90 29.62 0.26
N TYR A 319 -28.89 30.45 0.60
CA TYR A 319 -30.03 29.99 1.36
C TYR A 319 -30.77 28.89 0.60
N ASP A 320 -30.97 29.11 -0.71
CA ASP A 320 -31.61 28.11 -1.54
C ASP A 320 -30.64 27.01 -1.97
N PHE A 321 -31.17 25.84 -2.29
CA PHE A 321 -30.33 24.73 -2.73
C PHE A 321 -29.80 25.01 -4.13
N ILE A 322 -30.67 25.53 -4.99
CA ILE A 322 -30.28 25.92 -6.33
C ILE A 322 -30.66 27.36 -6.61
N VAL A 323 -29.66 28.21 -6.85
CA VAL A 323 -29.91 29.58 -7.25
C VAL A 323 -29.30 29.85 -8.63
N LYS A 324 -30.11 30.38 -9.53
CA LYS A 324 -29.62 30.80 -10.84
C LYS A 324 -29.86 32.29 -11.05
N ASN A 325 -28.77 33.05 -11.11
CA ASN A 325 -28.81 34.51 -11.32
C ASN A 325 -28.74 34.88 -12.80
N GLY A 326 -29.87 35.28 -13.37
CA GLY A 326 -29.93 35.68 -14.77
C GLY A 326 -29.38 34.64 -15.74
N ARG A 327 -29.89 33.42 -15.66
CA ARG A 327 -29.46 32.31 -16.51
C ARG A 327 -28.05 31.83 -16.18
N GLU A 328 -27.49 32.33 -15.08
CA GLU A 328 -26.18 31.92 -14.60
C GLU A 328 -26.32 31.16 -13.28
N LEU A 329 -25.80 29.95 -13.21
CA LEU A 329 -25.90 29.16 -11.99
C LEU A 329 -24.82 29.54 -10.98
N LEU A 330 -25.21 29.85 -9.75
CA LEU A 330 -24.24 30.19 -8.72
C LEU A 330 -23.59 28.94 -8.17
N GLN A 331 -22.43 29.11 -7.53
CA GLN A 331 -21.77 28.01 -6.86
C GLN A 331 -22.69 27.52 -5.76
N PRO A 332 -22.97 26.21 -5.74
CA PRO A 332 -23.85 25.66 -4.70
C PRO A 332 -23.25 25.89 -3.31
N ALA A 333 -21.94 26.10 -3.25
CA ALA A 333 -21.25 26.34 -1.99
C ALA A 333 -19.85 26.90 -2.22
N VAL A 334 -19.35 27.66 -1.27
CA VAL A 334 -18.00 28.20 -1.32
C VAL A 334 -17.32 27.95 0.02
N LYS A 335 -16.11 27.40 -0.01
CA LYS A 335 -15.42 27.15 1.25
C LYS A 335 -14.48 28.30 1.57
N CYS A 336 -14.28 28.50 2.87
CA CYS A 336 -13.45 29.60 3.37
C CYS A 336 -12.65 29.08 4.53
N ARG A 337 -11.40 28.74 4.25
CA ARG A 337 -10.55 28.03 5.20
C ARG A 337 -9.67 28.96 6.02
N GLY A 338 -9.45 28.61 7.28
CA GLY A 338 -8.72 29.44 8.22
C GLY A 338 -7.27 29.67 7.87
N ARG A 339 -6.72 30.77 8.37
CA ARG A 339 -5.37 31.20 8.06
C ARG A 339 -4.31 30.18 8.48
N GLU A 340 -4.46 29.62 9.66
CA GLU A 340 -3.49 28.65 10.17
C GLU A 340 -3.63 27.30 9.49
N TYR A 341 -4.87 26.93 9.16
CA TYR A 341 -5.11 25.67 8.48
C TYR A 341 -4.48 25.68 7.08
N LEU A 342 -4.46 26.85 6.46
CA LEU A 342 -3.94 26.98 5.10
C LEU A 342 -2.43 26.80 4.99
N ARG A 343 -1.72 26.82 6.12
CA ARG A 343 -0.29 26.54 6.13
C ARG A 343 -0.03 25.07 5.82
N ILE A 344 -0.97 24.22 6.18
CA ILE A 344 -0.85 22.80 5.85
C ILE A 344 -0.97 22.58 4.35
N ILE A 345 -1.94 23.27 3.76
CA ILE A 345 -2.27 23.09 2.35
C ILE A 345 -1.31 23.82 1.42
N TYR A 346 -0.94 25.04 1.79
CA TYR A 346 -0.13 25.88 0.93
C TYR A 346 1.34 25.90 1.31
N GLY A 347 1.63 25.42 2.51
CA GLY A 347 2.99 25.52 3.04
C GLY A 347 3.03 26.55 4.15
N PRO A 348 3.84 26.30 5.20
CA PRO A 348 3.90 27.20 6.36
C PRO A 348 4.37 28.60 6.01
N GLU A 349 5.22 28.72 5.00
CA GLU A 349 5.78 30.02 4.62
C GLU A 349 5.01 30.72 3.51
N TYR A 350 3.76 30.30 3.26
CA TYR A 350 2.96 30.89 2.18
C TYR A 350 2.59 32.33 2.52
N THR A 351 2.42 32.59 3.81
CA THR A 351 1.88 33.87 4.30
C THR A 351 2.75 35.11 4.13
N MET A 352 4.06 34.94 4.24
CA MET A 352 4.96 36.09 4.34
C MET A 352 4.95 37.00 3.09
N ASP A 353 5.21 36.43 1.92
CA ASP A 353 5.32 37.22 0.69
C ASP A 353 5.04 36.43 -0.61
N GLU A 354 4.83 35.12 -0.48
CA GLU A 354 4.32 34.34 -1.61
C GLU A 354 2.83 34.58 -1.71
N ASN A 355 2.31 35.17 -0.63
CA ASN A 355 0.91 35.53 -0.51
C ASN A 355 0.47 36.39 -1.67
N ILE A 356 1.41 37.06 -2.33
CA ILE A 356 1.10 38.00 -3.40
C ILE A 356 0.75 37.28 -4.72
N GLU A 357 0.71 35.95 -4.69
CA GLU A 357 0.37 35.16 -5.87
C GLU A 357 -0.38 33.85 -5.54
N ARG A 358 -1.66 33.87 -5.14
CA ARG A 358 -2.59 35.01 -5.10
C ARG A 358 -3.15 35.46 -6.47
N LEU A 359 -2.33 35.35 -7.50
CA LEU A 359 -2.80 35.52 -8.86
C LEU A 359 -3.47 34.21 -9.29
N ARG A 360 -3.76 33.37 -8.29
CA ARG A 360 -4.36 32.05 -8.50
C ARG A 360 -5.79 32.17 -9.00
N ASN A 361 -6.40 33.34 -8.75
CA ASN A 361 -7.81 33.58 -9.06
C ASN A 361 -8.35 32.92 -10.33
N ARG A 362 -7.53 32.83 -11.37
CA ARG A 362 -7.93 32.09 -12.56
C ARG A 362 -8.02 30.60 -12.27
N ALA A 363 -7.07 30.10 -11.49
CA ALA A 363 -7.13 28.73 -10.99
C ALA A 363 -8.48 28.44 -10.32
N VAL A 364 -8.92 29.35 -9.45
CA VAL A 364 -10.24 29.26 -8.81
C VAL A 364 -11.33 29.26 -9.88
N GLY A 365 -11.00 29.77 -11.06
CA GLY A 365 -11.91 29.80 -12.18
C GLY A 365 -12.23 28.44 -12.78
N LYS A 366 -11.20 27.66 -13.09
CA LYS A 366 -11.42 26.31 -13.63
C LYS A 366 -12.10 25.42 -12.60
N LYS A 367 -11.71 25.58 -11.33
CA LYS A 367 -12.32 24.84 -10.24
C LYS A 367 -13.82 25.11 -10.19
N ARG A 368 -14.19 26.38 -10.38
CA ARG A 368 -15.58 26.78 -10.31
C ARG A 368 -16.41 26.18 -11.44
N SER A 369 -15.79 26.04 -12.61
CA SER A 369 -16.45 25.45 -13.77
C SER A 369 -16.77 23.97 -13.50
N LEU A 370 -15.79 23.24 -12.99
CA LEU A 370 -15.97 21.83 -12.65
C LEU A 370 -17.05 21.66 -11.58
N ALA A 371 -17.05 22.57 -10.61
CA ALA A 371 -18.02 22.49 -9.52
C ALA A 371 -19.45 22.49 -10.06
N LEU A 372 -19.78 23.48 -10.90
CA LEU A 372 -21.12 23.61 -11.48
C LEU A 372 -21.48 22.39 -12.33
N ARG A 373 -20.56 22.00 -13.21
CA ARG A 373 -20.77 20.82 -14.05
C ARG A 373 -21.03 19.56 -13.22
N GLU A 374 -20.19 19.32 -12.22
CA GLU A 374 -20.36 18.15 -11.37
C GLU A 374 -21.68 18.22 -10.60
N PHE A 375 -21.95 19.40 -10.03
CA PHE A 375 -23.18 19.62 -9.30
C PHE A 375 -24.41 19.23 -10.14
N SER A 376 -24.43 19.66 -11.40
CA SER A 376 -25.57 19.39 -12.29
C SER A 376 -25.69 17.92 -12.65
N LEU A 377 -24.55 17.26 -12.87
CA LEU A 377 -24.57 15.84 -13.13
C LEU A 377 -25.19 15.06 -11.97
N GLY A 378 -24.86 15.46 -10.75
CA GLY A 378 -25.33 14.77 -9.55
C GLY A 378 -26.82 14.89 -9.34
N MET A 379 -27.36 16.08 -9.53
CA MET A 379 -28.81 16.28 -9.42
C MET A 379 -29.53 15.52 -10.53
N GLU A 380 -28.92 15.44 -11.71
CA GLU A 380 -29.52 14.70 -12.82
C GLU A 380 -29.56 13.20 -12.53
N ALA A 381 -28.44 12.66 -12.02
CA ALA A 381 -28.38 11.27 -11.59
C ALA A 381 -29.52 10.94 -10.63
N LEU A 382 -29.73 11.79 -9.64
CA LEU A 382 -30.79 11.56 -8.66
C LEU A 382 -32.17 11.67 -9.30
N GLU A 383 -32.34 12.64 -10.18
CA GLU A 383 -33.62 12.83 -10.84
C GLU A 383 -33.97 11.63 -11.71
N ARG A 384 -32.95 11.04 -12.34
CA ARG A 384 -33.18 9.88 -13.20
C ARG A 384 -33.51 8.65 -12.36
N PHE A 385 -32.87 8.54 -11.21
CA PHE A 385 -33.14 7.44 -10.30
C PHE A 385 -34.57 7.52 -9.76
N VAL A 386 -34.96 8.72 -9.34
CA VAL A 386 -36.24 8.93 -8.70
C VAL A 386 -37.40 8.70 -9.68
N ARG A 387 -37.15 8.96 -10.96
CA ARG A 387 -38.16 8.64 -11.98
C ARG A 387 -37.92 7.29 -12.65
N ASN A 388 -37.19 6.41 -11.98
CA ASN A 388 -37.01 5.02 -12.42
C ASN A 388 -36.44 4.83 -13.82
N GLU A 389 -35.44 5.61 -14.18
CA GLU A 389 -34.71 5.36 -15.42
C GLU A 389 -33.77 4.18 -15.21
N PRO A 390 -33.39 3.50 -16.30
CA PRO A 390 -32.47 2.36 -16.16
C PRO A 390 -31.18 2.75 -15.46
N LEU A 391 -30.57 1.80 -14.77
CA LEU A 391 -29.35 2.05 -14.02
C LEU A 391 -28.28 2.75 -14.86
N TYR A 392 -28.11 2.33 -16.11
CA TYR A 392 -27.02 2.87 -16.92
C TYR A 392 -27.18 4.36 -17.19
N ARG A 393 -28.42 4.82 -17.26
CA ARG A 393 -28.71 6.24 -17.44
C ARG A 393 -28.32 7.03 -16.20
N VAL A 394 -28.52 6.42 -15.04
CA VAL A 394 -28.08 7.01 -13.78
C VAL A 394 -26.56 7.05 -13.73
N HIS A 395 -25.93 5.94 -14.09
CA HIS A 395 -24.47 5.81 -14.10
C HIS A 395 -23.77 6.75 -15.07
N GLU A 396 -24.45 7.10 -16.16
CA GLU A 396 -23.87 8.02 -17.13
C GLU A 396 -23.57 9.36 -16.50
N CYS A 397 -24.43 9.79 -15.58
CA CYS A 397 -24.23 11.05 -14.88
C CYS A 397 -23.19 10.88 -13.78
N VAL A 398 -23.30 9.81 -13.00
CA VAL A 398 -22.34 9.54 -11.93
C VAL A 398 -20.91 9.47 -12.47
N PHE A 399 -20.71 8.69 -13.52
CA PHE A 399 -19.37 8.54 -14.12
C PHE A 399 -18.88 9.84 -14.71
N GLY A 400 -19.82 10.68 -15.16
CA GLY A 400 -19.49 12.02 -15.62
C GLY A 400 -18.81 12.84 -14.53
N VAL A 401 -19.31 12.72 -13.31
CA VAL A 401 -18.68 13.39 -12.16
C VAL A 401 -17.25 12.90 -11.93
N LEU A 402 -17.07 11.58 -11.92
CA LEU A 402 -15.74 11.00 -11.81
C LEU A 402 -14.80 11.49 -12.91
N ALA A 403 -15.32 11.55 -14.13
CA ALA A 403 -14.51 11.99 -15.26
C ALA A 403 -14.03 13.42 -15.07
N LEU A 404 -14.92 14.29 -14.58
CA LEU A 404 -14.55 15.68 -14.35
C LEU A 404 -13.59 15.82 -13.17
N GLU A 405 -13.71 14.94 -12.20
CA GLU A 405 -12.81 14.97 -11.05
C GLU A 405 -11.44 14.50 -11.50
N SER A 406 -11.41 13.97 -12.73
CA SER A 406 -10.21 13.40 -13.30
C SER A 406 -9.40 14.43 -14.08
N GLU A 407 -10.02 15.57 -14.38
CA GLU A 407 -9.33 16.65 -15.08
C GLU A 407 -8.33 17.34 -14.14
N PRO A 408 -7.13 17.64 -14.64
CA PRO A 408 -6.11 18.33 -13.84
C PRO A 408 -6.66 19.62 -13.26
N VAL A 409 -6.23 19.96 -12.04
CA VAL A 409 -6.63 21.18 -11.37
C VAL A 409 -5.76 21.36 -10.14
N ASP A 410 -5.62 22.60 -9.67
CA ASP A 410 -4.81 22.90 -8.49
C ASP A 410 -5.40 22.21 -7.26
N PRO A 411 -4.67 21.23 -6.69
CA PRO A 411 -5.17 20.39 -5.61
C PRO A 411 -5.34 21.12 -4.28
N ARG A 412 -4.80 22.32 -4.17
CA ARG A 412 -4.91 23.09 -2.94
C ARG A 412 -6.23 23.86 -2.89
N LEU A 413 -6.89 23.96 -4.04
CA LEU A 413 -8.18 24.63 -4.13
C LEU A 413 -9.31 23.77 -3.57
N SER B 23 13.50 -7.65 12.35
CA SER B 23 12.51 -6.70 12.85
C SER B 23 12.92 -5.27 12.52
N ARG B 24 12.81 -4.39 13.50
CA ARG B 24 13.20 -3.00 13.33
C ARG B 24 14.69 -2.88 13.03
N PHE B 25 15.47 -3.85 13.51
CA PHE B 25 16.91 -3.81 13.33
C PHE B 25 17.47 -5.07 12.67
N ALA B 26 18.60 -4.91 12.00
CA ALA B 26 19.31 -6.06 11.46
C ALA B 26 19.77 -6.93 12.61
N ALA B 27 20.22 -8.14 12.28
CA ALA B 27 20.87 -8.98 13.27
C ALA B 27 22.22 -8.34 13.59
N ASP B 28 22.85 -8.80 14.65
CA ASP B 28 24.20 -8.36 14.99
C ASP B 28 25.10 -8.49 13.75
N PRO B 29 25.65 -7.35 13.29
CA PRO B 29 26.51 -7.28 12.09
C PRO B 29 27.66 -8.29 12.14
N HIS B 30 28.00 -8.77 13.33
CA HIS B 30 29.06 -9.76 13.48
C HIS B 30 28.72 -11.11 12.85
N TRP B 31 27.42 -11.42 12.77
CA TRP B 31 26.98 -12.65 12.12
C TRP B 31 26.98 -12.54 10.60
N LEU B 32 26.73 -11.33 10.11
CA LEU B 32 26.54 -11.10 8.67
C LEU B 32 27.83 -11.21 7.87
N ILE B 33 28.24 -12.45 7.56
CA ILE B 33 29.46 -12.71 6.80
C ILE B 33 29.16 -12.99 5.33
N TYR B 34 27.87 -12.98 4.99
CA TYR B 34 27.44 -13.37 3.66
C TYR B 34 25.97 -13.03 3.41
N LEU B 35 25.66 -12.67 2.17
CA LEU B 35 24.29 -12.49 1.72
C LEU B 35 24.15 -13.10 0.34
N PRO B 36 23.11 -13.94 0.14
CA PRO B 36 22.89 -14.67 -1.11
C PRO B 36 22.57 -13.73 -2.28
N PRO B 37 22.93 -14.12 -3.52
CA PRO B 37 22.74 -13.26 -4.68
C PRO B 37 21.40 -13.49 -5.34
N THR B 38 20.93 -12.53 -6.12
CA THR B 38 19.71 -12.71 -6.91
C THR B 38 19.98 -13.77 -7.97
N MET B 39 18.91 -14.40 -8.46
CA MET B 39 19.04 -15.47 -9.44
C MET B 39 18.36 -15.07 -10.74
N SER B 40 18.92 -15.48 -11.87
CA SER B 40 18.36 -15.09 -13.16
C SER B 40 17.39 -16.14 -13.69
N PRO B 41 16.31 -15.70 -14.36
CA PRO B 41 15.42 -16.65 -15.04
C PRO B 41 16.01 -16.99 -16.40
N CYS B 42 15.47 -17.98 -17.10
CA CYS B 42 15.92 -18.22 -18.47
C CYS B 42 15.27 -17.27 -19.48
N GLU B 43 15.83 -17.23 -20.69
CA GLU B 43 15.29 -16.40 -21.76
C GLU B 43 13.89 -16.88 -22.13
N THR B 44 13.10 -15.99 -22.71
CA THR B 44 11.72 -16.31 -23.05
C THR B 44 11.61 -17.49 -24.02
N SER B 45 10.79 -18.47 -23.65
CA SER B 45 10.56 -19.64 -24.47
C SER B 45 9.86 -19.28 -25.78
N LYS B 46 10.15 -20.02 -26.84
CA LYS B 46 9.52 -19.81 -28.12
C LYS B 46 8.24 -20.62 -28.25
N LYS B 47 8.03 -21.54 -27.31
CA LYS B 47 6.85 -22.39 -27.31
C LYS B 47 5.59 -21.60 -26.96
N GLU B 48 4.48 -21.98 -27.58
CA GLU B 48 3.24 -21.25 -27.40
C GLU B 48 2.68 -21.37 -25.99
N GLY B 49 2.37 -20.22 -25.40
CA GLY B 49 1.83 -20.17 -24.05
C GLY B 49 2.87 -20.38 -22.96
N MET B 50 4.15 -20.40 -23.33
CA MET B 50 5.22 -20.63 -22.37
C MET B 50 6.09 -19.39 -22.22
N LEU B 51 6.43 -19.07 -20.99
CA LEU B 51 7.40 -18.01 -20.74
C LEU B 51 8.77 -18.63 -20.53
N GLU B 52 8.77 -19.69 -19.75
CA GLU B 52 10.01 -20.35 -19.39
C GLU B 52 9.85 -21.84 -19.59
N HIS B 53 10.94 -22.49 -19.99
CA HIS B 53 10.96 -23.92 -20.23
C HIS B 53 12.40 -24.38 -20.08
N PRO B 54 12.62 -25.59 -19.55
CA PRO B 54 13.96 -26.09 -19.25
C PRO B 54 14.92 -26.03 -20.42
N ILE B 55 14.40 -26.10 -21.64
CA ILE B 55 15.25 -26.11 -22.84
C ILE B 55 16.14 -24.87 -22.88
N GLU B 56 15.58 -23.71 -22.52
CA GLU B 56 16.36 -22.48 -22.46
C GLU B 56 17.44 -22.55 -21.40
N ALA B 57 17.12 -23.10 -20.24
CA ALA B 57 18.10 -23.22 -19.17
C ALA B 57 19.27 -24.13 -19.59
N PHE B 58 18.95 -25.33 -20.06
CA PHE B 58 19.96 -26.27 -20.52
C PHE B 58 20.75 -25.75 -21.71
N GLU B 59 20.10 -24.98 -22.56
CA GLU B 59 20.74 -24.42 -23.75
C GLU B 59 21.79 -23.39 -23.37
N TYR B 60 21.45 -22.53 -22.42
CA TYR B 60 22.39 -21.52 -21.91
C TYR B 60 23.71 -22.17 -21.52
N PHE B 61 23.64 -23.28 -20.80
CA PHE B 61 24.84 -23.98 -20.37
C PHE B 61 25.51 -24.79 -21.48
N ARG B 62 24.70 -25.44 -22.33
CA ARG B 62 25.23 -26.24 -23.42
C ARG B 62 26.08 -25.38 -24.34
N THR B 63 25.57 -24.20 -24.67
CA THR B 63 26.24 -23.34 -25.64
C THR B 63 27.38 -22.54 -25.03
N ARG B 64 27.67 -22.79 -23.76
CA ARG B 64 28.77 -22.11 -23.09
C ARG B 64 29.78 -23.09 -22.48
N GLY B 65 29.73 -24.33 -22.95
CA GLY B 65 30.77 -25.30 -22.65
C GLY B 65 30.53 -26.18 -21.44
N VAL B 66 29.33 -26.09 -20.87
CA VAL B 66 28.99 -26.91 -19.71
C VAL B 66 28.20 -28.14 -20.15
N GLY B 67 28.78 -29.32 -19.95
CA GLY B 67 28.17 -30.56 -20.37
C GLY B 67 27.19 -31.14 -19.36
N LYS B 68 27.46 -30.89 -18.08
CA LYS B 68 26.61 -31.41 -17.01
C LYS B 68 26.08 -30.30 -16.11
N VAL B 69 24.79 -30.35 -15.83
CA VAL B 69 24.17 -29.43 -14.89
C VAL B 69 23.40 -30.20 -13.83
N VAL B 70 23.17 -29.57 -12.69
CA VAL B 70 22.40 -30.17 -11.61
C VAL B 70 21.09 -29.40 -11.44
N CYS B 71 19.97 -30.13 -11.46
CA CYS B 71 18.66 -29.51 -11.32
C CYS B 71 18.11 -29.79 -9.94
N GLY B 72 17.79 -28.72 -9.22
CA GLY B 72 17.25 -28.84 -7.88
C GLY B 72 15.82 -28.39 -7.86
N GLN B 73 15.02 -29.06 -7.05
CA GLN B 73 13.62 -28.71 -6.90
C GLN B 73 13.48 -27.46 -6.01
N LYS B 74 12.79 -26.44 -6.55
CA LYS B 74 12.47 -25.24 -5.77
C LYS B 74 11.48 -25.61 -4.68
N HIS B 75 11.81 -25.27 -3.44
CA HIS B 75 11.02 -25.73 -2.30
C HIS B 75 9.77 -24.89 -2.01
N MET B 76 9.82 -23.62 -2.39
CA MET B 76 8.71 -22.69 -2.17
C MET B 76 8.61 -22.19 -0.72
N GLY B 77 9.76 -21.81 -0.17
CA GLY B 77 9.82 -21.19 1.14
C GLY B 77 10.51 -19.84 1.03
N SER B 78 11.45 -19.59 1.93
CA SER B 78 12.20 -18.33 1.92
C SER B 78 13.69 -18.61 2.03
N ARG B 79 14.50 -17.71 1.47
CA ARG B 79 15.95 -17.86 1.52
C ARG B 79 16.43 -17.58 2.94
N ALA B 80 17.24 -18.48 3.49
CA ALA B 80 17.77 -18.30 4.84
C ALA B 80 19.22 -18.69 4.92
N VAL B 81 20.03 -17.82 5.53
CA VAL B 81 21.43 -18.14 5.81
C VAL B 81 21.49 -18.63 7.26
N VAL B 82 22.10 -19.78 7.46
CA VAL B 82 22.14 -20.39 8.79
C VAL B 82 23.58 -20.60 9.24
N ILE B 83 23.95 -19.98 10.36
CA ILE B 83 25.27 -20.18 10.92
C ILE B 83 25.13 -20.93 12.24
N VAL B 84 25.95 -21.96 12.42
CA VAL B 84 25.89 -22.77 13.62
C VAL B 84 27.27 -22.89 14.26
N CYS B 85 27.34 -22.62 15.55
CA CYS B 85 28.57 -22.81 16.31
C CYS B 85 28.36 -23.94 17.31
N LYS B 86 29.44 -24.60 17.68
CA LYS B 86 29.33 -25.67 18.67
C LYS B 86 28.75 -25.13 19.98
N ASP B 87 29.16 -23.90 20.35
CA ASP B 87 28.67 -23.26 21.57
C ASP B 87 28.83 -21.75 21.55
N SER B 88 28.36 -21.10 22.61
CA SER B 88 28.44 -19.63 22.73
C SER B 88 29.87 -19.12 22.74
N GLN B 89 30.76 -19.89 23.36
CA GLN B 89 32.19 -19.56 23.40
C GLN B 89 32.79 -19.41 22.00
N VAL B 90 32.35 -20.26 21.08
CA VAL B 90 32.82 -20.20 19.70
C VAL B 90 32.31 -18.95 19.00
N ALA B 91 31.02 -18.66 19.18
CA ALA B 91 30.41 -17.48 18.59
C ALA B 91 31.15 -16.22 19.01
N GLU B 92 31.41 -16.10 20.31
CA GLU B 92 32.06 -14.91 20.83
C GLU B 92 33.50 -14.77 20.32
N LYS B 93 34.26 -15.86 20.35
CA LYS B 93 35.65 -15.80 19.92
C LYS B 93 35.80 -15.64 18.41
N ARG B 94 35.03 -16.41 17.64
CA ARG B 94 35.18 -16.43 16.20
C ARG B 94 34.51 -15.25 15.51
N PHE B 95 33.30 -14.91 15.92
CA PHE B 95 32.53 -13.87 15.25
C PHE B 95 32.48 -12.56 16.02
N GLY B 96 32.85 -12.60 17.29
CA GLY B 96 32.76 -11.42 18.15
C GLY B 96 31.34 -11.14 18.56
N VAL B 97 30.50 -12.18 18.56
CA VAL B 97 29.12 -12.06 19.01
C VAL B 97 29.04 -12.16 20.54
N LEU B 98 28.75 -11.04 21.18
CA LEU B 98 28.77 -10.93 22.65
C LEU B 98 27.39 -11.17 23.24
N ASP B 99 26.60 -11.94 22.50
CA ASP B 99 25.17 -12.05 22.68
C ASP B 99 24.77 -13.18 23.63
N GLY B 100 25.58 -14.24 23.63
CA GLY B 100 25.23 -15.45 24.35
C GLY B 100 24.71 -16.50 23.39
N THR B 101 24.47 -16.10 22.14
CA THR B 101 23.96 -17.04 21.14
C THR B 101 25.08 -17.85 20.49
N ALA B 102 24.71 -19.01 19.94
CA ALA B 102 25.66 -19.94 19.36
C ALA B 102 25.28 -20.21 17.92
N GLY B 103 24.50 -19.30 17.34
CA GLY B 103 24.06 -19.46 15.97
C GLY B 103 22.99 -18.47 15.57
N ILE B 104 22.66 -18.45 14.28
CA ILE B 104 21.70 -17.51 13.75
C ILE B 104 21.07 -18.02 12.46
N CYS B 105 19.80 -17.69 12.28
CA CYS B 105 19.12 -17.92 11.03
C CYS B 105 18.63 -16.58 10.53
N TYR B 106 19.31 -16.02 9.55
CA TYR B 106 18.93 -14.70 9.08
C TYR B 106 18.46 -14.66 7.63
N THR B 107 17.82 -13.56 7.29
CA THR B 107 17.21 -13.41 5.99
C THR B 107 18.17 -12.75 5.03
N ARG B 108 17.57 -12.27 3.95
CA ARG B 108 18.22 -11.82 2.75
C ARG B 108 18.66 -10.36 2.89
N THR B 109 18.00 -9.64 3.79
CA THR B 109 18.34 -8.27 4.09
C THR B 109 19.05 -8.20 5.44
N GLY B 110 19.65 -9.32 5.85
CA GLY B 110 20.42 -9.37 7.08
C GLY B 110 19.63 -9.27 8.37
N ARG B 111 18.33 -9.51 8.31
CA ARG B 111 17.50 -9.52 9.52
C ARG B 111 17.30 -10.95 10.02
N HIS B 112 16.96 -11.08 11.30
CA HIS B 112 16.58 -12.38 11.84
C HIS B 112 15.36 -12.90 11.11
N PHE B 113 15.36 -14.18 10.80
CA PHE B 113 14.21 -14.77 10.14
C PHE B 113 13.02 -14.71 11.08
N PHE B 114 13.26 -14.96 12.37
CA PHE B 114 12.19 -14.96 13.36
C PHE B 114 12.32 -13.82 14.38
N ASP B 115 11.18 -13.35 14.85
CA ASP B 115 11.15 -12.36 15.93
C ASP B 115 11.27 -13.07 17.27
N ASP B 116 10.87 -14.34 17.29
CA ASP B 116 11.02 -15.18 18.46
C ASP B 116 12.44 -15.76 18.49
N MET B 117 13.31 -15.18 19.31
CA MET B 117 14.68 -15.67 19.42
C MET B 117 14.73 -17.11 19.96
N GLN B 118 13.73 -17.48 20.75
CA GLN B 118 13.63 -18.84 21.27
C GLN B 118 13.40 -19.84 20.15
N LEU B 119 12.53 -19.48 19.22
CA LEU B 119 12.26 -20.33 18.07
C LEU B 119 13.53 -20.52 17.24
N GLU B 120 14.24 -19.42 16.99
CA GLU B 120 15.51 -19.48 16.28
C GLU B 120 16.50 -20.41 16.97
N ALA B 121 16.64 -20.24 18.28
CA ALA B 121 17.60 -21.03 19.04
C ALA B 121 17.29 -22.53 19.00
N GLU B 122 16.01 -22.88 19.04
CA GLU B 122 15.59 -24.27 18.93
C GLU B 122 16.04 -24.87 17.59
N LEU B 123 15.73 -24.17 16.51
CA LEU B 123 16.15 -24.55 15.17
C LEU B 123 17.65 -24.80 15.11
N ILE B 124 18.42 -23.85 15.63
CA ILE B 124 19.87 -23.94 15.71
C ILE B 124 20.31 -25.17 16.50
N ASP B 125 19.70 -25.37 17.66
CA ASP B 125 19.95 -26.56 18.47
C ASP B 125 19.66 -27.85 17.69
N ARG B 126 18.53 -27.90 16.99
CA ARG B 126 18.16 -29.07 16.19
C ARG B 126 19.26 -29.37 15.16
N VAL B 127 19.72 -28.32 14.48
CA VAL B 127 20.78 -28.49 13.49
C VAL B 127 22.09 -28.91 14.16
N ARG B 128 22.38 -28.34 15.32
CA ARG B 128 23.60 -28.69 16.03
C ARG B 128 23.61 -30.17 16.44
N LYS B 129 22.49 -30.67 16.97
CA LYS B 129 22.38 -32.07 17.37
C LYS B 129 22.62 -33.00 16.20
N VAL B 130 22.01 -32.67 15.06
CA VAL B 130 22.19 -33.46 13.85
C VAL B 130 23.64 -33.51 13.43
N LEU B 131 24.33 -32.38 13.56
CA LEU B 131 25.73 -32.28 13.19
C LEU B 131 26.64 -32.98 14.20
N ASP B 132 26.17 -33.10 15.43
CA ASP B 132 26.90 -33.82 16.46
C ASP B 132 26.89 -35.31 16.17
N LYS B 133 25.71 -35.84 15.86
CA LYS B 133 25.54 -37.26 15.59
C LYS B 133 26.26 -37.72 14.33
N SER B 134 26.33 -36.82 13.34
CA SER B 134 26.94 -37.17 12.06
C SER B 134 28.46 -36.98 12.07
N GLY B 135 29.00 -36.50 13.19
CA GLY B 135 30.43 -36.28 13.32
C GLY B 135 30.94 -35.20 12.37
N PHE B 136 30.10 -34.21 12.09
CA PHE B 136 30.42 -33.19 11.11
C PHE B 136 31.61 -32.34 11.52
N TRP B 137 31.62 -31.89 12.77
CA TRP B 137 32.67 -31.02 13.26
C TRP B 137 34.04 -31.65 13.08
N GLY B 138 34.20 -32.86 13.61
CA GLY B 138 35.46 -33.58 13.52
C GLY B 138 35.92 -33.80 12.09
N ASP B 139 35.01 -34.21 11.23
CA ASP B 139 35.34 -34.48 9.83
C ASP B 139 35.71 -33.21 9.06
N PHE B 140 35.14 -32.08 9.46
CA PHE B 140 35.42 -30.82 8.79
C PHE B 140 36.45 -29.97 9.51
N ASN B 141 36.93 -30.44 10.65
CA ASN B 141 37.87 -29.67 11.46
C ASN B 141 37.39 -28.23 11.64
N THR B 142 36.21 -28.08 12.20
CA THR B 142 35.61 -26.77 12.42
C THR B 142 34.68 -26.80 13.62
N ASP B 143 34.40 -25.63 14.18
CA ASP B 143 33.44 -25.51 15.27
C ASP B 143 32.29 -24.60 14.88
N TRP B 144 32.24 -24.26 13.59
CA TRP B 144 31.14 -23.48 13.03
C TRP B 144 30.93 -23.81 11.56
N VAL B 145 29.70 -23.58 11.08
CA VAL B 145 29.38 -23.74 9.68
C VAL B 145 28.40 -22.68 9.20
N CYS B 146 28.58 -22.24 7.97
CA CYS B 146 27.64 -21.35 7.33
C CYS B 146 26.92 -22.12 6.22
N LEU B 147 25.59 -22.05 6.22
CA LEU B 147 24.78 -22.80 5.27
C LEU B 147 23.81 -21.93 4.48
N ASP B 148 23.71 -22.18 3.18
CA ASP B 148 22.69 -21.55 2.35
C ASP B 148 21.48 -22.46 2.32
N CYS B 149 20.33 -21.95 2.73
CA CYS B 149 19.15 -22.80 2.91
C CYS B 149 17.86 -22.22 2.37
N GLU B 150 16.88 -23.09 2.27
CA GLU B 150 15.49 -22.68 2.14
C GLU B 150 14.79 -23.04 3.46
N LEU B 151 13.96 -22.12 3.94
CA LEU B 151 13.17 -22.36 5.14
C LEU B 151 11.69 -22.37 4.77
N MET B 152 11.03 -23.47 5.08
CA MET B 152 9.59 -23.60 4.85
C MET B 152 8.87 -23.62 6.19
N PRO B 153 7.58 -23.27 6.20
CA PRO B 153 6.80 -22.85 5.02
C PRO B 153 7.00 -21.37 4.70
N TRP B 154 6.50 -20.95 3.54
CA TRP B 154 6.65 -19.59 3.06
C TRP B 154 6.01 -18.56 4.00
N SER B 155 4.90 -18.95 4.64
CA SER B 155 4.17 -18.05 5.52
C SER B 155 4.84 -17.87 6.89
N ALA B 156 5.92 -18.61 7.11
CA ALA B 156 6.65 -18.56 8.37
C ALA B 156 7.41 -17.25 8.54
N LYS B 157 7.70 -16.59 7.42
CA LYS B 157 8.40 -15.30 7.45
C LYS B 157 7.38 -14.17 7.60
N ALA B 158 7.87 -12.95 7.84
CA ALA B 158 6.99 -11.81 8.06
C ALA B 158 6.80 -10.96 6.80
N GLN B 159 5.55 -10.63 6.49
CA GLN B 159 5.24 -9.81 5.31
C GLN B 159 4.15 -8.76 5.61
N LYS B 160 2.90 -9.13 5.36
CA LYS B 160 1.75 -8.25 5.62
C LYS B 160 1.65 -7.13 4.58
N GLU B 164 -0.78 -5.16 3.00
CA GLU B 164 -2.17 -5.40 3.35
C GLU B 164 -2.94 -4.09 3.57
N GLN B 165 -3.77 -3.72 2.60
CA GLN B 165 -4.60 -2.54 2.72
C GLN B 165 -6.04 -2.84 2.28
N TYR B 166 -6.31 -4.09 1.96
CA TYR B 166 -7.62 -4.48 1.43
C TYR B 166 -8.54 -5.12 2.47
N SER B 167 -8.11 -5.10 3.73
CA SER B 167 -8.95 -5.57 4.83
C SER B 167 -8.66 -4.76 6.09
N ALA B 168 -8.70 -3.44 5.95
CA ALA B 168 -8.40 -2.52 7.04
C ALA B 168 -9.39 -2.68 8.19
N VAL B 169 -8.96 -2.28 9.38
CA VAL B 169 -9.78 -2.40 10.58
C VAL B 169 -10.86 -1.33 10.64
N GLY B 170 -10.49 -0.11 10.28
CA GLY B 170 -11.43 0.99 10.34
C GLY B 170 -11.80 1.49 8.96
N ILE B 171 -11.26 2.64 8.59
CA ILE B 171 -11.47 3.20 7.27
C ILE B 171 -10.72 2.41 6.20
N SER B 172 -11.42 2.14 5.09
CA SER B 172 -10.86 1.40 3.96
C SER B 172 -9.46 1.89 3.55
N GLY B 173 -8.54 0.95 3.39
CA GLY B 173 -7.17 1.24 3.04
C GLY B 173 -7.03 2.16 1.84
N ARG B 174 -7.82 1.89 0.80
CA ARG B 174 -7.70 2.65 -0.45
C ARG B 174 -8.23 4.08 -0.32
N VAL B 175 -9.20 4.28 0.54
CA VAL B 175 -9.73 5.62 0.82
C VAL B 175 -8.66 6.46 1.52
N VAL B 176 -8.00 5.84 2.50
CA VAL B 176 -6.92 6.49 3.23
C VAL B 176 -5.75 6.80 2.30
N LEU B 177 -5.47 5.86 1.39
CA LEU B 177 -4.45 6.08 0.37
C LEU B 177 -4.82 7.26 -0.53
N ASP B 178 -6.05 7.28 -1.04
CA ASP B 178 -6.51 8.38 -1.87
C ASP B 178 -6.31 9.73 -1.18
N GLU B 179 -6.70 9.79 0.10
CA GLU B 179 -6.61 11.04 0.86
C GLU B 179 -5.17 11.45 1.13
N ALA B 180 -4.34 10.50 1.55
CA ALA B 180 -2.92 10.73 1.77
C ALA B 180 -2.21 11.17 0.48
N VAL B 181 -2.65 10.64 -0.65
CA VAL B 181 -2.08 11.01 -1.94
C VAL B 181 -2.43 12.45 -2.29
N LYS B 182 -3.68 12.85 -2.03
CA LYS B 182 -4.09 14.22 -2.26
C LYS B 182 -3.19 15.22 -1.53
N LEU B 183 -2.90 14.95 -0.26
CA LEU B 183 -2.04 15.83 0.53
C LEU B 183 -0.59 15.81 0.03
N LEU B 184 -0.17 14.68 -0.51
CA LEU B 184 1.16 14.58 -1.10
C LEU B 184 1.29 15.53 -2.27
N LYS B 185 0.27 15.56 -3.12
CA LYS B 185 0.28 16.42 -4.30
C LYS B 185 0.29 17.89 -3.90
N GLN B 186 -0.53 18.24 -2.93
CA GLN B 186 -0.58 19.61 -2.42
C GLN B 186 0.79 20.03 -1.87
N ALA B 187 1.43 19.14 -1.12
CA ALA B 187 2.73 19.43 -0.54
C ALA B 187 3.80 19.67 -1.61
N SER B 188 3.63 19.04 -2.76
CA SER B 188 4.59 19.19 -3.85
C SER B 188 4.69 20.62 -4.36
N LEU B 189 3.55 21.32 -4.36
CA LEU B 189 3.48 22.66 -4.92
C LEU B 189 4.19 23.70 -4.05
N ASN B 190 4.54 23.29 -2.84
CA ASN B 190 5.27 24.15 -1.92
C ASN B 190 6.74 24.25 -2.32
N LYS B 191 7.35 25.40 -2.10
CA LYS B 191 8.75 25.60 -2.47
C LYS B 191 9.72 25.40 -1.30
N THR B 192 10.24 24.20 -1.18
CA THR B 192 11.26 23.89 -0.19
C THR B 192 12.55 23.47 -0.89
N VAL B 193 12.46 22.39 -1.67
CA VAL B 193 13.57 21.93 -2.48
C VAL B 193 13.35 22.28 -3.95
N SER B 194 14.32 22.96 -4.56
CA SER B 194 14.23 23.34 -5.96
C SER B 194 15.62 23.45 -6.60
N SER B 202 14.81 19.48 -11.95
CA SER B 202 14.11 20.17 -10.86
C SER B 202 12.72 20.61 -11.27
N GLY B 203 12.51 20.78 -12.57
CA GLY B 203 11.26 21.31 -13.09
C GLY B 203 10.33 20.29 -13.72
N LYS B 204 10.70 19.02 -13.65
CA LYS B 204 9.88 17.94 -14.19
C LYS B 204 8.67 17.67 -13.31
N ASN B 205 7.63 17.08 -13.89
CA ASN B 205 6.41 16.76 -13.16
C ASN B 205 6.65 15.96 -11.88
N ALA B 206 5.70 16.04 -10.95
CA ALA B 206 5.77 15.26 -9.73
C ALA B 206 5.68 13.77 -10.06
N ASP B 207 6.69 13.02 -9.63
CA ASP B 207 6.71 11.57 -9.85
C ASP B 207 5.83 10.85 -8.85
N ILE B 208 4.89 11.59 -8.27
CA ILE B 208 3.96 11.03 -7.29
C ILE B 208 3.14 9.92 -7.91
N ASN B 209 2.80 10.08 -9.19
CA ASN B 209 2.06 9.04 -9.90
C ASN B 209 2.90 7.80 -10.19
N GLU B 210 4.14 8.01 -10.61
CA GLU B 210 5.09 6.90 -10.77
C GLU B 210 5.24 6.21 -9.42
N LEU B 211 5.09 6.98 -8.36
CA LEU B 211 5.28 6.52 -7.00
C LEU B 211 4.08 5.75 -6.47
N LEU B 212 2.89 6.17 -6.89
CA LEU B 212 1.65 5.48 -6.51
C LEU B 212 1.56 4.15 -7.25
N GLN B 213 2.26 4.07 -8.38
CA GLN B 213 2.31 2.84 -9.18
C GLN B 213 3.21 1.79 -8.53
N ARG B 214 4.39 2.20 -8.12
CA ARG B 214 5.30 1.30 -7.43
C ARG B 214 4.65 0.75 -6.16
N PHE B 215 3.70 1.51 -5.62
CA PHE B 215 2.99 1.11 -4.40
C PHE B 215 1.86 0.12 -4.69
N THR B 216 1.03 0.43 -5.69
CA THR B 216 -0.08 -0.45 -6.03
C THR B 216 0.40 -1.71 -6.74
N GLU B 217 1.42 -1.57 -7.59
CA GLU B 217 2.02 -2.72 -8.25
C GLU B 217 2.60 -3.67 -7.22
N ARG B 218 3.26 -3.11 -6.21
CA ARG B 218 3.80 -3.90 -5.11
C ARG B 218 2.67 -4.67 -4.45
N SER B 219 1.54 -4.00 -4.25
CA SER B 219 0.38 -4.59 -3.60
C SER B 219 -0.23 -5.71 -4.45
N GLU B 220 -0.47 -5.42 -5.73
CA GLU B 220 -1.04 -6.40 -6.65
C GLU B 220 -0.11 -7.58 -6.85
N MET B 221 1.19 -7.31 -6.79
CA MET B 221 2.21 -8.35 -6.91
C MET B 221 2.20 -9.26 -5.70
N MET B 222 2.07 -8.65 -4.53
CA MET B 222 2.01 -9.41 -3.28
C MET B 222 0.75 -10.27 -3.22
N GLN B 223 -0.36 -9.73 -3.71
CA GLN B 223 -1.62 -10.49 -3.77
C GLN B 223 -1.41 -11.77 -4.56
N LYS B 224 -0.65 -11.66 -5.65
CA LYS B 224 -0.36 -12.78 -6.52
C LYS B 224 0.51 -13.85 -5.84
N TYR B 225 1.51 -13.42 -5.08
CA TYR B 225 2.34 -14.37 -4.34
C TYR B 225 1.53 -15.18 -3.35
N VAL B 226 0.62 -14.50 -2.66
CA VAL B 226 -0.25 -15.17 -1.69
C VAL B 226 -1.02 -16.29 -2.35
N GLU B 227 -1.50 -16.04 -3.57
CA GLU B 227 -2.31 -17.00 -4.29
C GLU B 227 -1.48 -18.19 -4.78
N ALA B 228 -0.23 -17.90 -5.14
CA ALA B 228 0.67 -18.92 -5.67
C ALA B 228 1.21 -19.83 -4.56
N TYR B 229 1.41 -19.25 -3.39
CA TYR B 229 2.00 -19.98 -2.26
C TYR B 229 0.97 -20.50 -1.26
N ARG B 230 -0.27 -20.07 -1.39
CA ARG B 230 -1.31 -20.42 -0.42
C ARG B 230 -1.41 -21.94 -0.21
N LYS B 231 -1.25 -22.69 -1.29
CA LYS B 231 -1.37 -24.14 -1.24
C LYS B 231 -0.17 -24.80 -0.56
N TYR B 232 0.91 -24.03 -0.43
CA TYR B 232 2.15 -24.56 0.12
C TYR B 232 2.48 -23.88 1.44
N CYS B 233 1.45 -23.43 2.14
CA CYS B 233 1.61 -22.78 3.42
C CYS B 233 0.79 -23.48 4.49
N TRP B 234 1.35 -23.51 5.70
CA TRP B 234 0.65 -24.06 6.85
C TRP B 234 1.09 -23.30 8.09
N PRO B 235 0.18 -23.15 9.06
CA PRO B 235 0.53 -22.39 10.25
C PRO B 235 1.66 -23.07 11.03
N VAL B 236 2.53 -22.27 11.65
CA VAL B 236 3.56 -22.82 12.51
C VAL B 236 3.21 -22.58 13.97
N ASN B 237 3.06 -23.66 14.72
CA ASN B 237 2.69 -23.56 16.13
C ASN B 237 3.88 -23.92 17.01
N SER B 238 4.91 -24.46 16.39
CA SER B 238 6.11 -24.89 17.10
C SER B 238 7.20 -25.16 16.07
N ILE B 239 8.39 -25.49 16.55
CA ILE B 239 9.50 -25.74 15.65
C ILE B 239 9.22 -26.94 14.74
N ASP B 240 8.36 -27.84 15.24
CA ASP B 240 7.99 -29.04 14.49
C ASP B 240 7.33 -28.69 13.16
N ASP B 241 6.71 -27.51 13.10
CA ASP B 241 6.00 -27.08 11.90
C ASP B 241 6.93 -26.55 10.82
N LEU B 242 8.21 -26.42 11.13
CA LEU B 242 9.16 -25.85 10.17
C LEU B 242 9.87 -26.92 9.33
N LYS B 243 10.46 -26.48 8.22
CA LYS B 243 11.25 -27.34 7.36
C LYS B 243 12.42 -26.54 6.83
N LEU B 244 13.63 -27.05 7.08
CA LEU B 244 14.84 -26.40 6.59
C LEU B 244 15.51 -27.28 5.54
N ALA B 245 15.70 -26.73 4.34
CA ALA B 245 16.34 -27.48 3.25
C ALA B 245 17.62 -26.78 2.80
N PRO B 246 18.77 -27.17 3.38
CA PRO B 246 20.05 -26.56 3.01
C PRO B 246 20.53 -27.07 1.65
N PHE B 247 21.10 -26.19 0.84
CA PHE B 247 21.61 -26.60 -0.46
C PHE B 247 23.08 -26.23 -0.68
N HIS B 248 23.64 -25.43 0.21
CA HIS B 248 25.04 -25.06 0.14
C HIS B 248 25.74 -25.13 1.49
N ILE B 249 26.91 -25.77 1.51
CA ILE B 249 27.84 -25.60 2.61
C ILE B 249 28.80 -24.50 2.18
N LEU B 250 28.45 -23.26 2.51
CA LEU B 250 29.20 -22.09 2.05
C LEU B 250 30.60 -22.06 2.62
N ALA B 251 30.70 -22.19 3.93
CA ALA B 251 32.01 -22.05 4.58
C ALA B 251 32.09 -22.77 5.92
N THR B 252 33.30 -23.24 6.22
CA THR B 252 33.62 -23.74 7.54
C THR B 252 34.95 -23.13 7.91
N GLU B 253 35.52 -23.56 9.04
CA GLU B 253 36.77 -22.99 9.52
C GLU B 253 37.90 -23.16 8.50
N GLY B 254 38.39 -22.03 8.00
CA GLY B 254 39.56 -22.03 7.13
C GLY B 254 39.30 -22.36 5.68
N LYS B 255 38.03 -22.56 5.31
CA LYS B 255 37.72 -22.87 3.93
C LYS B 255 36.33 -22.46 3.45
N VAL B 256 36.28 -21.88 2.25
CA VAL B 256 35.04 -21.65 1.54
C VAL B 256 34.87 -22.75 0.49
N HIS B 257 33.77 -23.49 0.56
CA HIS B 257 33.59 -24.67 -0.29
C HIS B 257 33.00 -24.34 -1.64
N SER B 258 33.44 -23.23 -2.22
CA SER B 258 33.02 -22.86 -3.57
C SER B 258 33.81 -23.67 -4.59
N ASP B 259 34.72 -24.51 -4.09
CA ASP B 259 35.53 -25.36 -4.94
C ASP B 259 34.91 -26.74 -5.11
N LYS B 260 33.78 -26.95 -4.44
CA LYS B 260 33.09 -28.24 -4.49
C LYS B 260 31.87 -28.19 -5.40
N ASN B 261 31.65 -29.26 -6.17
CA ASN B 261 30.52 -29.31 -7.09
C ASN B 261 29.20 -29.53 -6.36
N HIS B 262 28.09 -29.22 -7.01
CA HIS B 262 26.80 -29.28 -6.35
C HIS B 262 26.36 -30.69 -5.94
N ILE B 263 26.92 -31.71 -6.59
CA ILE B 263 26.64 -33.09 -6.18
C ILE B 263 27.29 -33.33 -4.82
N TRP B 264 28.53 -32.90 -4.68
CA TRP B 264 29.19 -32.95 -3.38
C TRP B 264 28.32 -32.23 -2.34
N HIS B 265 27.89 -30.99 -2.65
CA HIS B 265 27.07 -30.22 -1.72
C HIS B 265 25.80 -30.96 -1.35
N MET B 266 25.05 -31.41 -2.35
CA MET B 266 23.79 -32.10 -2.14
C MET B 266 23.92 -33.30 -1.22
N ASP B 267 24.93 -34.12 -1.49
CA ASP B 267 25.09 -35.38 -0.78
C ASP B 267 25.77 -35.22 0.56
N THR B 268 26.72 -34.30 0.66
CA THR B 268 27.35 -34.01 1.93
C THR B 268 26.30 -33.51 2.91
N ILE B 269 25.49 -32.57 2.45
CA ILE B 269 24.36 -32.07 3.23
C ILE B 269 23.42 -33.20 3.64
N ALA B 270 23.09 -34.09 2.70
CA ALA B 270 22.20 -35.20 3.00
C ALA B 270 22.82 -36.14 4.02
N LYS B 271 24.13 -36.31 3.95
CA LYS B 271 24.85 -37.22 4.83
C LYS B 271 24.93 -36.69 6.25
N TYR B 272 25.29 -35.41 6.37
CA TYR B 272 25.52 -34.81 7.68
C TYR B 272 24.29 -34.15 8.31
N CYS B 273 23.26 -33.88 7.52
CA CYS B 273 22.16 -33.05 7.99
C CYS B 273 20.78 -33.70 7.97
N THR B 274 20.55 -34.65 7.07
CA THR B 274 19.19 -35.09 6.79
C THR B 274 18.83 -36.47 7.37
N GLN B 275 19.80 -37.14 7.97
CA GLN B 275 19.59 -38.50 8.47
C GLN B 275 18.69 -38.59 9.70
N ASP B 276 18.94 -37.74 10.68
CA ASP B 276 18.38 -37.91 12.03
C ASP B 276 17.05 -37.19 12.28
N ASP B 277 16.95 -35.94 11.83
CA ASP B 277 15.83 -35.09 12.18
C ASP B 277 15.00 -34.70 10.96
N SER B 278 13.70 -34.98 11.00
CA SER B 278 12.83 -34.67 9.88
C SER B 278 12.68 -33.17 9.66
N LEU B 279 13.19 -32.37 10.58
CA LEU B 279 13.17 -30.92 10.43
C LEU B 279 14.03 -30.49 9.24
N ILE B 280 15.16 -31.16 9.06
CA ILE B 280 16.06 -30.86 7.94
C ILE B 280 15.74 -31.75 6.75
N MET B 281 15.62 -31.14 5.58
CA MET B 281 15.19 -31.82 4.36
C MET B 281 16.33 -32.03 3.40
N ALA B 282 16.28 -33.14 2.66
CA ALA B 282 17.13 -33.30 1.50
C ALA B 282 16.42 -32.66 0.30
N THR B 283 17.19 -32.26 -0.71
CA THR B 283 16.59 -31.63 -1.88
C THR B 283 16.52 -32.62 -3.04
N ASN B 284 15.32 -32.88 -3.52
CA ASN B 284 15.15 -33.67 -4.74
C ASN B 284 15.88 -33.00 -5.90
N HIS B 285 16.82 -33.73 -6.50
CA HIS B 285 17.62 -33.19 -7.60
C HIS B 285 17.99 -34.27 -8.61
N ILE B 286 18.28 -33.85 -9.84
CA ILE B 286 18.74 -34.76 -10.88
C ILE B 286 19.94 -34.18 -11.61
N LEU B 287 20.75 -35.06 -12.18
CA LEU B 287 21.86 -34.66 -13.05
C LEU B 287 21.40 -34.74 -14.52
N VAL B 288 21.77 -33.74 -15.32
CA VAL B 288 21.38 -33.69 -16.72
C VAL B 288 22.56 -33.41 -17.66
N ASP B 289 22.76 -34.29 -18.64
CA ASP B 289 23.75 -34.06 -19.68
C ASP B 289 23.10 -33.23 -20.78
N VAL B 290 23.40 -31.93 -20.79
CA VAL B 290 22.72 -31.00 -21.68
C VAL B 290 23.04 -31.18 -23.17
N THR B 291 23.90 -32.15 -23.49
CA THR B 291 24.19 -32.48 -24.89
C THR B 291 23.46 -33.75 -25.30
N ASP B 292 23.03 -34.54 -24.33
CA ASP B 292 22.33 -35.79 -24.57
C ASP B 292 20.82 -35.57 -24.71
N ALA B 293 20.26 -35.91 -25.85
CA ALA B 293 18.83 -35.72 -26.09
C ALA B 293 17.98 -36.47 -25.08
N GLU B 294 18.42 -37.67 -24.73
CA GLU B 294 17.69 -38.54 -23.80
C GLU B 294 17.74 -37.99 -22.37
N SER B 295 18.93 -37.59 -21.93
CA SER B 295 19.09 -37.03 -20.59
C SER B 295 18.29 -35.74 -20.44
N VAL B 296 18.37 -34.88 -21.45
CA VAL B 296 17.62 -33.63 -21.44
C VAL B 296 16.11 -33.89 -21.38
N ASP B 297 15.65 -34.89 -22.13
CA ASP B 297 14.22 -35.20 -22.13
C ASP B 297 13.74 -35.69 -20.76
N LYS B 298 14.61 -36.41 -20.05
CA LYS B 298 14.29 -36.84 -18.69
C LYS B 298 14.24 -35.64 -17.77
N GLY B 299 15.10 -34.66 -18.02
CA GLY B 299 15.10 -33.41 -17.28
C GLY B 299 13.80 -32.65 -17.44
N ILE B 300 13.35 -32.51 -18.70
CA ILE B 300 12.10 -31.82 -18.99
C ILE B 300 10.91 -32.49 -18.31
N LYS B 301 10.83 -33.81 -18.40
CA LYS B 301 9.75 -34.58 -17.78
C LYS B 301 9.77 -34.43 -16.26
N TRP B 302 10.97 -34.45 -15.70
CA TRP B 302 11.15 -34.23 -14.28
C TRP B 302 10.55 -32.88 -13.87
N TRP B 303 10.90 -31.85 -14.61
CA TRP B 303 10.41 -30.48 -14.37
C TRP B 303 8.91 -30.39 -14.58
N GLU B 304 8.41 -31.06 -15.61
CA GLU B 304 6.97 -31.05 -15.90
C GLU B 304 6.18 -31.63 -14.73
N ASP B 305 6.74 -32.66 -14.11
CA ASP B 305 6.10 -33.30 -12.97
C ASP B 305 6.05 -32.38 -11.75
N LEU B 306 7.15 -31.64 -11.53
CA LEU B 306 7.25 -30.73 -10.40
C LEU B 306 6.23 -29.60 -10.48
N THR B 307 5.95 -29.16 -11.70
CA THR B 307 5.16 -27.94 -11.89
C THR B 307 3.76 -28.22 -12.41
N ALA B 308 3.38 -29.49 -12.40
CA ALA B 308 2.08 -29.89 -12.93
C ALA B 308 0.93 -29.28 -12.15
N SER B 309 1.09 -29.16 -10.84
CA SER B 309 0.03 -28.65 -9.97
C SER B 309 0.21 -27.18 -9.61
N GLY B 310 1.24 -26.55 -10.16
CA GLY B 310 1.53 -25.16 -9.87
C GLY B 310 2.79 -24.95 -9.07
N GLY B 311 3.57 -26.01 -8.90
CA GLY B 311 4.84 -25.93 -8.21
C GLY B 311 5.71 -24.87 -8.88
N GLU B 312 6.57 -24.23 -8.09
CA GLU B 312 7.35 -23.11 -8.59
C GLU B 312 8.30 -23.49 -9.74
N GLY B 313 8.95 -24.64 -9.61
CA GLY B 313 9.88 -25.10 -10.64
C GLY B 313 11.20 -25.58 -10.08
N MET B 314 12.28 -25.28 -10.79
CA MET B 314 13.60 -25.79 -10.42
C MET B 314 14.70 -24.74 -10.60
N VAL B 315 15.84 -25.02 -9.99
CA VAL B 315 17.04 -24.22 -10.19
C VAL B 315 18.04 -25.10 -10.92
N VAL B 316 18.62 -24.55 -11.98
CA VAL B 316 19.56 -25.29 -12.81
C VAL B 316 20.94 -24.69 -12.61
N LYS B 317 21.89 -25.51 -12.16
CA LYS B 317 23.22 -25.02 -11.85
C LYS B 317 24.30 -25.79 -12.63
N PRO B 318 25.40 -25.12 -12.96
CA PRO B 318 26.50 -25.87 -13.56
C PRO B 318 26.94 -26.93 -12.58
N TYR B 319 27.51 -28.02 -13.06
CA TYR B 319 28.01 -29.08 -12.19
C TYR B 319 28.95 -28.51 -11.16
N ASP B 320 29.85 -27.63 -11.60
CA ASP B 320 30.81 -27.00 -10.69
C ASP B 320 30.25 -25.69 -10.10
N PHE B 321 30.64 -25.39 -8.86
CA PHE B 321 30.14 -24.22 -8.15
C PHE B 321 30.47 -22.94 -8.93
N ILE B 322 31.68 -22.90 -9.48
CA ILE B 322 32.13 -21.74 -10.24
C ILE B 322 32.69 -22.18 -11.58
N VAL B 323 32.09 -21.69 -12.67
CA VAL B 323 32.58 -21.99 -14.01
C VAL B 323 32.91 -20.72 -14.79
N LYS B 324 33.92 -20.81 -15.66
CA LYS B 324 34.32 -19.70 -16.50
C LYS B 324 34.56 -20.12 -17.95
N ASN B 325 33.63 -19.75 -18.83
CA ASN B 325 33.81 -19.91 -20.27
C ASN B 325 34.70 -18.79 -20.80
N GLY B 326 35.90 -19.15 -21.26
CA GLY B 326 36.92 -18.15 -21.50
C GLY B 326 37.22 -17.53 -20.15
N ARG B 327 37.15 -16.21 -20.07
CA ARG B 327 37.20 -15.54 -18.77
C ARG B 327 35.83 -14.94 -18.41
N GLU B 328 34.85 -15.17 -19.28
CA GLU B 328 33.45 -14.86 -18.99
C GLU B 328 32.98 -15.72 -17.82
N LEU B 329 32.47 -15.07 -16.77
CA LEU B 329 31.84 -15.80 -15.68
C LEU B 329 30.45 -16.24 -16.11
N LEU B 330 30.07 -17.46 -15.74
CA LEU B 330 28.75 -17.98 -16.07
C LEU B 330 27.82 -17.94 -14.87
N GLN B 331 26.52 -17.84 -15.14
CA GLN B 331 25.51 -17.87 -14.10
C GLN B 331 25.69 -19.10 -13.23
N PRO B 332 25.82 -18.90 -11.91
CA PRO B 332 25.95 -20.00 -10.96
C PRO B 332 24.63 -20.77 -10.82
N ALA B 333 23.54 -20.13 -11.23
CA ALA B 333 22.23 -20.77 -11.18
C ALA B 333 21.24 -20.08 -12.11
N VAL B 334 20.33 -20.85 -12.68
CA VAL B 334 19.27 -20.29 -13.50
C VAL B 334 17.96 -20.87 -13.02
N LYS B 335 17.00 -20.03 -12.69
CA LYS B 335 15.71 -20.54 -12.27
C LYS B 335 14.77 -20.72 -13.46
N CYS B 336 13.98 -21.78 -13.40
CA CYS B 336 13.06 -22.10 -14.48
C CYS B 336 11.71 -22.48 -13.87
N ARG B 337 10.75 -21.57 -13.95
CA ARG B 337 9.49 -21.71 -13.23
C ARG B 337 8.36 -22.32 -14.06
N GLY B 338 7.41 -22.95 -13.38
CA GLY B 338 6.33 -23.68 -14.01
C GLY B 338 5.27 -22.80 -14.63
N ARG B 339 4.57 -23.33 -15.63
CA ARG B 339 3.55 -22.59 -16.35
C ARG B 339 2.45 -22.11 -15.42
N GLU B 340 1.91 -23.02 -14.62
CA GLU B 340 0.82 -22.68 -13.71
C GLU B 340 1.23 -21.59 -12.74
N TYR B 341 2.45 -21.69 -12.21
CA TYR B 341 2.98 -20.70 -11.26
C TYR B 341 3.14 -19.31 -11.91
N LEU B 342 3.86 -19.26 -13.02
CA LEU B 342 4.03 -18.01 -13.75
C LEU B 342 2.70 -17.43 -14.22
N ARG B 343 1.71 -18.29 -14.42
CA ARG B 343 0.37 -17.86 -14.76
C ARG B 343 -0.20 -16.97 -13.66
N ILE B 344 -0.05 -17.43 -12.42
CA ILE B 344 -0.51 -16.67 -11.26
C ILE B 344 0.26 -15.35 -11.11
N ILE B 345 1.59 -15.45 -11.12
CA ILE B 345 2.46 -14.30 -10.95
C ILE B 345 2.26 -13.21 -12.01
N TYR B 346 2.02 -13.62 -13.26
CA TYR B 346 1.85 -12.67 -14.36
C TYR B 346 0.38 -12.35 -14.62
N GLY B 347 -0.51 -13.14 -14.05
CA GLY B 347 -1.92 -13.01 -14.33
C GLY B 347 -2.38 -13.97 -15.41
N PRO B 348 -3.51 -14.64 -15.18
CA PRO B 348 -4.02 -15.66 -16.11
C PRO B 348 -4.33 -15.04 -17.47
N GLU B 349 -5.08 -13.95 -17.46
CA GLU B 349 -5.40 -13.19 -18.66
C GLU B 349 -4.25 -12.25 -19.00
N TYR B 350 -3.09 -12.83 -19.28
CA TYR B 350 -1.90 -12.06 -19.61
C TYR B 350 -1.26 -12.54 -20.90
N THR B 351 -0.95 -11.62 -21.79
CA THR B 351 -0.37 -11.98 -23.08
C THR B 351 0.97 -11.30 -23.31
N MET B 352 1.88 -12.01 -23.98
CA MET B 352 3.15 -11.44 -24.37
C MET B 352 3.16 -11.22 -25.88
N ASP B 353 3.50 -10.01 -26.30
CA ASP B 353 3.64 -9.72 -27.71
C ASP B 353 5.09 -9.38 -28.01
N GLU B 354 5.40 -9.21 -29.29
CA GLU B 354 6.72 -8.72 -29.68
C GLU B 354 6.95 -7.38 -29.01
N ASN B 355 8.21 -7.06 -28.74
CA ASN B 355 8.56 -5.86 -27.99
C ASN B 355 8.45 -6.07 -26.48
N ILE B 356 7.38 -6.75 -26.05
CA ILE B 356 7.27 -7.13 -24.65
C ILE B 356 8.18 -8.32 -24.37
N GLU B 357 8.18 -9.28 -25.28
CA GLU B 357 9.11 -10.40 -25.24
C GLU B 357 10.53 -9.88 -25.35
N ARG B 358 10.68 -8.83 -26.15
CA ARG B 358 11.98 -8.20 -26.38
C ARG B 358 12.45 -7.49 -25.11
N LEU B 359 11.51 -6.80 -24.46
CA LEU B 359 11.79 -6.13 -23.19
C LEU B 359 12.12 -7.13 -22.09
N ARG B 360 11.42 -8.26 -22.08
CA ARG B 360 11.65 -9.29 -21.07
C ARG B 360 13.06 -9.86 -21.19
N ASN B 361 13.49 -10.11 -22.43
CA ASN B 361 14.83 -10.63 -22.66
C ASN B 361 15.93 -9.63 -22.31
N ARG B 362 15.65 -8.34 -22.48
CA ARG B 362 16.59 -7.30 -22.07
C ARG B 362 16.70 -7.28 -20.56
N ALA B 363 15.55 -7.33 -19.90
CA ALA B 363 15.51 -7.33 -18.44
C ALA B 363 16.25 -8.54 -17.87
N VAL B 364 16.05 -9.70 -18.51
CA VAL B 364 16.75 -10.91 -18.12
C VAL B 364 18.25 -10.67 -18.24
N GLY B 365 18.64 -9.85 -19.21
CA GLY B 365 20.03 -9.49 -19.40
C GLY B 365 20.58 -8.70 -18.24
N LYS B 366 19.78 -7.76 -17.72
CA LYS B 366 20.20 -6.94 -16.58
C LYS B 366 20.34 -7.80 -15.34
N LYS B 367 19.38 -8.70 -15.15
CA LYS B 367 19.35 -9.57 -13.99
C LYS B 367 20.59 -10.44 -13.98
N ARG B 368 21.01 -10.88 -15.16
CA ARG B 368 22.19 -11.75 -15.27
C ARG B 368 23.45 -11.06 -14.74
N SER B 369 23.78 -9.91 -15.32
CA SER B 369 24.97 -9.17 -14.91
C SER B 369 24.91 -8.85 -13.41
N LEU B 370 23.72 -8.51 -12.94
CA LEU B 370 23.51 -8.19 -11.54
C LEU B 370 23.76 -9.42 -10.66
N ALA B 371 23.29 -10.57 -11.11
CA ALA B 371 23.47 -11.82 -10.37
C ALA B 371 24.95 -12.14 -10.22
N LEU B 372 25.71 -11.94 -11.29
CA LEU B 372 27.13 -12.21 -11.27
C LEU B 372 27.86 -11.35 -10.23
N ARG B 373 27.66 -10.04 -10.30
CA ARG B 373 28.31 -9.14 -9.36
C ARG B 373 27.99 -9.49 -7.90
N GLU B 374 26.72 -9.69 -7.61
CA GLU B 374 26.31 -10.09 -6.26
C GLU B 374 26.95 -11.40 -5.87
N PHE B 375 26.91 -12.37 -6.78
CA PHE B 375 27.52 -13.66 -6.55
C PHE B 375 28.97 -13.54 -6.10
N SER B 376 29.74 -12.74 -6.82
CA SER B 376 31.16 -12.55 -6.54
C SER B 376 31.42 -11.81 -5.24
N LEU B 377 30.66 -10.75 -5.00
CA LEU B 377 30.72 -10.03 -3.72
C LEU B 377 30.54 -10.98 -2.55
N GLY B 378 29.50 -11.82 -2.62
CA GLY B 378 29.21 -12.77 -1.56
C GLY B 378 30.30 -13.80 -1.37
N MET B 379 30.94 -14.23 -2.46
CA MET B 379 32.05 -15.18 -2.40
C MET B 379 33.30 -14.54 -1.76
N GLU B 380 33.59 -13.30 -2.14
CA GLU B 380 34.73 -12.58 -1.60
C GLU B 380 34.55 -12.31 -0.10
N ALA B 381 33.33 -11.96 0.28
CA ALA B 381 33.00 -11.72 1.68
C ALA B 381 33.32 -12.95 2.53
N LEU B 382 32.83 -14.12 2.10
CA LEU B 382 33.14 -15.36 2.80
C LEU B 382 34.65 -15.60 2.84
N GLU B 383 35.32 -15.31 1.72
CA GLU B 383 36.75 -15.53 1.63
C GLU B 383 37.51 -14.66 2.62
N ARG B 384 37.13 -13.39 2.70
CA ARG B 384 37.78 -12.46 3.61
C ARG B 384 37.56 -12.89 5.06
N PHE B 385 36.35 -13.35 5.37
CA PHE B 385 36.04 -13.80 6.71
C PHE B 385 36.85 -15.04 7.07
N VAL B 386 37.01 -15.93 6.10
CA VAL B 386 37.77 -17.16 6.29
C VAL B 386 39.26 -16.89 6.52
N ARG B 387 39.77 -15.84 5.86
CA ARG B 387 41.16 -15.43 6.00
C ARG B 387 41.41 -14.55 7.24
N ASN B 388 40.37 -14.35 8.04
CA ASN B 388 40.45 -13.55 9.25
C ASN B 388 40.72 -12.07 8.99
N GLU B 389 40.24 -11.56 7.86
CA GLU B 389 40.36 -10.14 7.56
C GLU B 389 39.46 -9.35 8.49
N PRO B 390 39.74 -8.04 8.66
CA PRO B 390 38.89 -7.22 9.53
C PRO B 390 37.43 -7.31 9.09
N LEU B 391 36.51 -7.22 10.05
CA LEU B 391 35.09 -7.37 9.76
C LEU B 391 34.57 -6.34 8.76
N TYR B 392 35.09 -5.11 8.82
CA TYR B 392 34.65 -4.07 7.88
C TYR B 392 34.99 -4.43 6.44
N ARG B 393 36.05 -5.22 6.24
CA ARG B 393 36.45 -5.66 4.91
C ARG B 393 35.47 -6.71 4.39
N VAL B 394 35.01 -7.56 5.30
CA VAL B 394 33.98 -8.53 4.97
C VAL B 394 32.67 -7.80 4.66
N HIS B 395 32.41 -6.73 5.38
CA HIS B 395 31.18 -5.97 5.20
C HIS B 395 31.17 -5.16 3.91
N GLU B 396 32.36 -4.78 3.43
CA GLU B 396 32.47 -4.12 2.13
C GLU B 396 31.72 -4.90 1.04
N CYS B 397 31.90 -6.22 1.06
CA CYS B 397 31.32 -7.09 0.05
C CYS B 397 29.87 -7.45 0.38
N VAL B 398 29.65 -7.83 1.64
CA VAL B 398 28.31 -8.18 2.11
C VAL B 398 27.32 -7.05 1.90
N PHE B 399 27.75 -5.83 2.22
CA PHE B 399 26.90 -4.65 2.07
C PHE B 399 26.71 -4.29 0.59
N GLY B 400 27.73 -4.56 -0.21
CA GLY B 400 27.65 -4.32 -1.64
C GLY B 400 26.51 -5.11 -2.28
N VAL B 401 26.37 -6.37 -1.86
CA VAL B 401 25.26 -7.19 -2.33
C VAL B 401 23.97 -6.47 -1.98
N LEU B 402 23.87 -6.05 -0.73
CA LEU B 402 22.70 -5.33 -0.27
C LEU B 402 22.39 -4.10 -1.13
N ALA B 403 23.43 -3.35 -1.48
CA ALA B 403 23.26 -2.15 -2.30
C ALA B 403 22.77 -2.47 -3.71
N LEU B 404 23.25 -3.58 -4.26
CA LEU B 404 22.89 -3.96 -5.61
C LEU B 404 21.44 -4.41 -5.69
N GLU B 405 20.95 -5.00 -4.60
CA GLU B 405 19.57 -5.47 -4.55
C GLU B 405 18.58 -4.32 -4.35
N SER B 406 19.11 -3.12 -4.16
CA SER B 406 18.29 -1.93 -4.00
C SER B 406 17.80 -1.41 -5.34
N GLU B 407 18.52 -1.77 -6.40
CA GLU B 407 18.19 -1.32 -7.74
C GLU B 407 16.87 -1.94 -8.21
N PRO B 408 16.02 -1.12 -8.83
CA PRO B 408 14.73 -1.55 -9.38
C PRO B 408 14.87 -2.64 -10.44
N VAL B 409 14.19 -3.76 -10.23
CA VAL B 409 14.15 -4.84 -11.22
C VAL B 409 12.74 -5.37 -11.32
N ASP B 410 12.44 -6.06 -12.42
CA ASP B 410 11.13 -6.69 -12.59
C ASP B 410 10.95 -7.77 -11.52
N PRO B 411 9.94 -7.58 -10.66
CA PRO B 411 9.67 -8.51 -9.55
C PRO B 411 9.25 -9.91 -10.03
N ARG B 412 8.54 -9.98 -11.15
CA ARG B 412 8.07 -11.26 -11.68
C ARG B 412 9.22 -12.16 -12.11
N LEU B 413 10.43 -11.62 -12.17
CA LEU B 413 11.59 -12.40 -12.60
C LEU B 413 12.37 -12.94 -11.41
PG ATP C . -13.86 15.64 1.28
O1G ATP C . -14.18 16.42 2.63
O2G ATP C . -13.47 14.09 1.28
O3G ATP C . -14.82 16.17 0.25
PB ATP C . -11.62 17.47 0.37
O1B ATP C . -10.25 17.32 1.08
O2B ATP C . -11.89 17.61 -1.12
O3B ATP C . -12.48 16.12 0.46
PA ATP C . -12.20 20.16 1.18
O1A ATP C . -11.55 20.24 2.56
O2A ATP C . -11.38 20.74 0.06
O3A ATP C . -12.43 18.58 1.17
O5' ATP C . -13.68 20.76 0.96
C5' ATP C . -14.85 20.03 0.47
C4' ATP C . -15.68 19.43 1.68
O4' ATP C . -15.87 20.17 2.91
C3' ATP C . -17.04 18.82 1.45
O3' ATP C . -16.86 17.72 0.66
C2' ATP C . -17.43 18.27 2.84
O2' ATP C . -16.99 16.93 3.39
C1' ATP C . -16.83 19.38 3.74
N9 ATP C . -17.98 20.01 4.50
C8 ATP C . -17.88 20.10 5.88
N7 ATP C . -19.00 20.66 6.41
C5 ATP C . -19.80 20.87 5.32
C6 ATP C . -21.14 21.43 5.26
N6 ATP C . -21.63 21.80 6.53
N1 ATP C . -21.71 21.50 3.99
C2 ATP C . -21.06 21.11 2.86
N3 ATP C . -19.84 20.57 2.88
C4 ATP C . -19.19 20.41 4.08
PB ADP D . 15.33 -13.17 -6.74
O1B ADP D . 14.59 -12.27 -7.72
O2B ADP D . 16.27 -14.14 -7.41
O3B ADP D . 16.02 -12.25 -5.66
PA ADP D . 13.11 -15.39 -6.48
O1A ADP D . 11.81 -15.37 -5.64
O2A ADP D . 13.07 -15.63 -8.00
O3A ADP D . 14.20 -14.19 -5.99
O5' ADP D . 13.69 -16.75 -5.88
C5' ADP D . 14.94 -17.31 -6.29
C4' ADP D . 15.19 -18.13 -5.04
O4' ADP D . 14.96 -19.54 -5.22
C3' ADP D . 16.52 -17.93 -4.32
O3' ADP D . 16.62 -16.66 -3.59
C2' ADP D . 16.39 -19.08 -3.33
O2' ADP D . 15.91 -18.40 -2.15
C1' ADP D . 15.40 -20.13 -3.98
N9 ADP D . 15.79 -21.63 -4.12
C8 ADP D . 14.88 -22.65 -3.91
N7 ADP D . 15.47 -23.88 -4.07
C5 ADP D . 16.79 -23.73 -4.44
C6 ADP D . 17.96 -24.66 -4.80
N6 ADP D . 17.88 -26.03 -4.81
N1 ADP D . 19.17 -23.97 -5.08
C2 ADP D . 19.31 -22.57 -5.08
N3 ADP D . 18.29 -21.71 -4.82
C4 ADP D . 17.03 -22.20 -4.45
C1 PGE E . 22.80 -18.13 -6.25
O1 PGE E . 22.14 -18.42 -7.42
C2 PGE E . 24.10 -18.90 -6.14
O2 PGE E . 25.09 -18.33 -5.32
C3 PGE E . 25.30 -18.78 -4.02
C4 PGE E . 26.50 -18.19 -3.27
O4 PGE E . 26.27 -13.83 -2.81
C6 PGE E . 27.15 -14.57 -3.59
C5 PGE E . 27.45 -15.95 -3.08
O3 PGE E . 26.57 -16.86 -3.63
#